data_4K8Z
#
_entry.id   4K8Z
#
_cell.length_a   144.870
_cell.length_b   111.780
_cell.length_c   67.100
_cell.angle_alpha   90.00
_cell.angle_beta   90.00
_cell.angle_gamma   90.00
#
_symmetry.space_group_name_H-M   'P 21 21 2'
#
loop_
_entity.id
_entity.type
_entity.pdbx_description
1 polymer 'DNA polymerase'
2 polymer "DNA (5'-D(*AP*AP*AP*TP*TP*CP*GP*CP*AP*GP*TP*TP*CP*GP*CP*G)-3')"
3 polymer "DNA (5'-D(*CP*GP*CP*GP*AP*AP*CP*TP*GP*CP*GP*(2DA))-3')"
4 non-polymer 'COBALT HEXAMMINE(III)'
5 non-polymer 1,2-ETHANEDIOL
6 non-polymer 'MAGNESIUM ION'
7 water water
#
loop_
_entity_poly.entity_id
_entity_poly.type
_entity_poly.pdbx_seq_one_letter_code
_entity_poly.pdbx_strand_id
1 'polypeptide(L)'
;MILDTDYITEDGKPVIRIFKKENGEFKIEYDRTFEPYFYALLKDDSAIEEVKKITAERHGTVVTVKRVEKVQKKFLGRPV
EVWKLYFTHPQDVPAIRDKIREHPAVIDIYEYDIPFAKRYLIDKGLVPMEGDEELKMLAFAIATLYHEGEEFAEGPILMI
SYADEEGARVITWKNVDLPYVDVVSTEREMIKRFLRVVKEKDPDVLITYNGDNFDFAYLKKRCEKLGINFALGRDGSEPK
IQRMGDRFAVEVKGRIHFDLYPVIRRTINLPTYTLEAVYEAVFGQPKEKVYAEEITTAWETGENLERVARYSMEDAKVTY
ELGKEFLPMEAQLSRLIGQSLWDVSRSSTGNLVEWFLLRKAYERNELAPNKPDEKELARRRQSYEGGYVKEPERGLWENI
VYLDFRSLYPSIIITHNVSPDTLNREGCKEYDVAPQVGHRFCKDFPGFIPSLLGDLLEERQKIKKKMKATIDPIERKLLD
YRQRAIKILANSYYGYYGYARARWYCKECAESVTAWGREYITMTIKEIEEKYGFKVIYSDTDGFFATIPGADAETVKKKA
MEFLKYINAKLPGALELEYEGFYKRGFFVTKKKYAVIDEEGKITTRGLEIVRRDWSEIAKETQARVLEALLKDGDVEKAV
RIVKEVTEKLSKYEVPPEKLVIHEQITRDLKDYKATGPHVAVAKRLAARGVKIRPGTVISYIVLKGSGRIGDRAIPFDEF
DPTKHKYDAEYYIENQVLPAVERILRAFGYRKEDLRYQKTRQVGLSAWLKPKGT
;
A
2 'polydeoxyribonucleotide' (DA)(DA)(DA)(DT)(DT)(DC)(DG)(DC)(DA)(DG)(DT)(DT)(DC)(DG)(DC)(DG) T
3 'polydeoxyribonucleotide' (DC)(DG)(DC)(DG)(DA)(DA)(DC)(DT)(DG)(DC)(DG)(2DA) P
#
loop_
_chem_comp.id
_chem_comp.type
_chem_comp.name
_chem_comp.formula
2DA DNA linking 2',3'-DIDEOXYADENOSINE-5'-MONOPHOSPHATE 'C10 H14 N5 O5 P'
DA DNA linking 2'-DEOXYADENOSINE-5'-MONOPHOSPHATE 'C10 H14 N5 O6 P'
DC DNA linking 2'-DEOXYCYTIDINE-5'-MONOPHOSPHATE 'C9 H14 N3 O7 P'
DG DNA linking 2'-DEOXYGUANOSINE-5'-MONOPHOSPHATE 'C10 H14 N5 O7 P'
DT DNA linking THYMIDINE-5'-MONOPHOSPHATE 'C10 H15 N2 O8 P'
EDO non-polymer 1,2-ETHANEDIOL 'C2 H6 O2'
MG non-polymer 'MAGNESIUM ION' 'Mg 2'
NCO non-polymer 'COBALT HEXAMMINE(III)' 'Co H18 N6 3'
#
# COMPACT_ATOMS: atom_id res chain seq x y z
N MET A 1 15.81 16.16 14.35
CA MET A 1 15.75 15.40 13.11
C MET A 1 15.08 16.18 11.98
N ILE A 2 15.30 15.72 10.76
CA ILE A 2 14.76 16.38 9.58
C ILE A 2 13.35 15.89 9.26
N LEU A 3 12.42 16.83 9.14
CA LEU A 3 11.03 16.52 8.83
C LEU A 3 10.81 16.56 7.33
N ASP A 4 11.18 17.68 6.72
CA ASP A 4 10.95 17.88 5.30
C ASP A 4 11.88 18.96 4.76
N THR A 5 11.86 19.16 3.44
CA THR A 5 12.56 20.26 2.81
C THR A 5 11.70 20.85 1.71
N ASP A 6 11.91 22.13 1.40
CA ASP A 6 11.32 22.73 0.21
C ASP A 6 12.21 23.90 -0.21
N TYR A 7 11.74 24.72 -1.13
CA TYR A 7 12.45 25.95 -1.44
C TYR A 7 11.51 27.13 -1.63
N ILE A 8 12.01 28.32 -1.33
CA ILE A 8 11.33 29.55 -1.67
C ILE A 8 12.27 30.35 -2.57
N THR A 9 11.72 31.35 -3.25
CA THR A 9 12.52 32.18 -4.14
C THR A 9 12.72 33.56 -3.55
N GLU A 10 13.97 34.00 -3.52
CA GLU A 10 14.31 35.31 -2.97
C GLU A 10 15.18 36.06 -3.96
N ASP A 11 14.64 37.15 -4.50
CA ASP A 11 15.30 37.94 -5.54
C ASP A 11 15.70 37.09 -6.74
N GLY A 12 14.85 36.13 -7.09
CA GLY A 12 15.08 35.30 -8.27
C GLY A 12 15.91 34.05 -8.00
N LYS A 13 16.39 33.91 -6.77
CA LYS A 13 17.26 32.78 -6.42
C LYS A 13 16.58 31.80 -5.47
N PRO A 14 16.79 30.50 -5.69
CA PRO A 14 16.21 29.47 -4.83
C PRO A 14 16.90 29.41 -3.48
N VAL A 15 16.11 29.30 -2.42
CA VAL A 15 16.65 29.13 -1.08
C VAL A 15 16.02 27.89 -0.47
N ILE A 16 16.83 26.86 -0.24
CA ILE A 16 16.35 25.63 0.37
C ILE A 16 15.99 25.88 1.83
N ARG A 17 14.83 25.37 2.25
CA ARG A 17 14.47 25.38 3.66
C ARG A 17 14.45 23.96 4.20
N ILE A 18 15.23 23.72 5.25
CA ILE A 18 15.21 22.42 5.92
C ILE A 18 14.45 22.55 7.24
N PHE A 19 13.30 21.87 7.31
CA PHE A 19 12.48 21.90 8.52
C PHE A 19 12.92 20.81 9.49
N LYS A 20 13.29 21.21 10.70
CA LYS A 20 13.84 20.26 11.66
C LYS A 20 13.16 20.33 13.03
N LYS A 21 13.27 19.23 13.77
CA LYS A 21 12.86 19.20 15.17
C LYS A 21 14.03 18.70 16.00
N GLU A 22 14.69 19.61 16.71
CA GLU A 22 15.84 19.26 17.55
C GLU A 22 15.56 19.60 19.00
N ASN A 23 15.67 18.58 19.87
CA ASN A 23 15.44 18.74 21.30
C ASN A 23 14.09 19.37 21.63
N GLY A 24 13.06 18.94 20.90
CA GLY A 24 11.71 19.46 21.11
C GLY A 24 11.53 20.88 20.61
N GLU A 25 12.43 21.33 19.74
CA GLU A 25 12.37 22.69 19.21
C GLU A 25 12.32 22.71 17.68
N PHE A 26 11.30 23.35 17.13
CA PHE A 26 11.18 23.49 15.68
C PHE A 26 12.21 24.47 15.15
N LYS A 27 12.89 24.08 14.07
CA LYS A 27 13.95 24.91 13.50
C LYS A 27 13.89 24.91 11.98
N ILE A 28 14.26 26.05 11.39
CA ILE A 28 14.37 26.14 9.94
C ILE A 28 15.79 26.55 9.57
N GLU A 29 16.45 25.72 8.76
CA GLU A 29 17.77 26.05 8.25
C GLU A 29 17.66 26.46 6.79
N TYR A 30 18.47 27.42 6.39
CA TYR A 30 18.44 27.94 5.04
C TYR A 30 19.73 27.65 4.31
N ASP A 31 19.63 27.29 3.04
CA ASP A 31 20.79 27.05 2.20
C ASP A 31 20.58 27.76 0.86
N ARG A 32 21.49 28.68 0.54
CA ARG A 32 21.36 29.47 -0.67
C ARG A 32 22.38 29.07 -1.72
N THR A 33 23.08 27.96 -1.50
CA THR A 33 24.22 27.62 -2.34
C THR A 33 24.01 26.40 -3.23
N PHE A 34 22.82 25.80 -3.19
CA PHE A 34 22.56 24.61 -3.98
C PHE A 34 22.08 24.94 -5.39
N GLU A 35 22.82 24.44 -6.38
CA GLU A 35 22.51 24.71 -7.78
C GLU A 35 21.75 23.55 -8.42
N PRO A 36 20.63 23.86 -9.08
CA PRO A 36 19.90 22.85 -9.85
C PRO A 36 20.70 22.45 -11.09
N TYR A 37 20.54 21.21 -11.54
CA TYR A 37 21.32 20.71 -12.66
C TYR A 37 20.68 19.49 -13.30
N PHE A 38 21.08 19.19 -14.53
CA PHE A 38 20.84 17.89 -15.13
C PHE A 38 21.96 17.54 -16.12
N TYR A 39 21.96 16.30 -16.61
CA TYR A 39 23.06 15.84 -17.46
C TYR A 39 22.70 15.79 -18.93
N ALA A 40 23.71 15.93 -19.78
CA ALA A 40 23.54 15.83 -21.23
C ALA A 40 24.65 14.99 -21.84
N LEU A 41 24.29 13.99 -22.63
CA LEU A 41 25.27 13.19 -23.36
C LEU A 41 25.48 13.75 -24.75
N LEU A 42 26.71 14.14 -25.05
CA LEU A 42 27.03 14.74 -26.34
C LEU A 42 27.83 13.78 -27.22
N LYS A 43 27.64 13.90 -28.54
CA LYS A 43 28.38 13.09 -29.48
C LYS A 43 29.74 13.73 -29.76
N ASP A 44 29.85 15.02 -29.48
CA ASP A 44 31.10 15.74 -29.67
C ASP A 44 31.27 16.78 -28.56
N ASP A 45 32.45 16.81 -27.96
CA ASP A 45 32.74 17.76 -26.89
C ASP A 45 32.70 19.21 -27.38
N SER A 46 32.96 19.40 -28.67
CA SER A 46 32.95 20.73 -29.28
C SER A 46 31.55 21.33 -29.27
N ALA A 47 30.54 20.47 -29.16
CA ALA A 47 29.16 20.90 -29.22
C ALA A 47 28.70 21.62 -27.94
N ILE A 48 29.54 21.57 -26.90
CA ILE A 48 29.19 22.17 -25.61
C ILE A 48 29.02 23.69 -25.72
N GLU A 49 29.73 24.31 -26.65
CA GLU A 49 29.66 25.75 -26.84
C GLU A 49 28.33 26.15 -27.44
N GLU A 50 27.74 25.24 -28.22
CA GLU A 50 26.42 25.47 -28.79
C GLU A 50 25.35 25.31 -27.71
N VAL A 51 25.55 24.34 -26.83
CA VAL A 51 24.58 24.03 -25.78
C VAL A 51 24.55 25.12 -24.71
N LYS A 52 25.71 25.72 -24.44
CA LYS A 52 25.81 26.83 -23.49
C LYS A 52 24.87 27.97 -23.86
N LYS A 53 24.74 28.22 -25.16
CA LYS A 53 24.04 29.40 -25.66
C LYS A 53 22.56 29.14 -25.94
N ILE A 54 22.10 27.93 -25.61
CA ILE A 54 20.68 27.62 -25.74
C ILE A 54 19.88 28.38 -24.69
N THR A 55 18.80 29.02 -25.12
CA THR A 55 17.99 29.84 -24.22
C THR A 55 16.51 29.49 -24.29
N ALA A 56 15.80 29.77 -23.20
CA ALA A 56 14.36 29.57 -23.15
C ALA A 56 13.73 30.72 -22.36
N GLU A 57 12.41 30.65 -22.16
CA GLU A 57 11.71 31.68 -21.41
C GLU A 57 10.58 31.09 -20.58
N ARG A 58 10.57 31.41 -19.28
CA ARG A 58 9.51 30.96 -18.39
C ARG A 58 8.29 31.86 -18.53
N HIS A 59 8.31 32.98 -17.80
CA HIS A 59 7.23 33.96 -17.89
C HIS A 59 7.81 35.34 -18.12
N GLY A 60 8.33 35.56 -19.32
CA GLY A 60 8.96 36.82 -19.66
C GLY A 60 10.44 36.81 -19.31
N THR A 61 10.76 36.13 -18.22
CA THR A 61 12.15 35.99 -17.78
C THR A 61 12.93 35.05 -18.70
N VAL A 62 14.12 35.48 -19.09
CA VAL A 62 14.95 34.72 -20.03
C VAL A 62 15.77 33.65 -19.31
N VAL A 63 15.60 32.41 -19.75
CA VAL A 63 16.30 31.26 -19.15
C VAL A 63 17.62 30.97 -19.86
N THR A 64 18.69 30.84 -19.08
CA THR A 64 20.01 30.57 -19.64
C THR A 64 20.73 29.46 -18.87
N VAL A 65 21.82 28.96 -19.44
CA VAL A 65 22.65 27.98 -18.75
C VAL A 65 23.69 28.71 -17.91
N LYS A 66 23.68 28.46 -16.61
CA LYS A 66 24.59 29.16 -15.69
C LYS A 66 26.04 28.79 -15.95
N ARG A 67 26.35 27.50 -15.85
CA ARG A 67 27.71 27.00 -16.06
C ARG A 67 27.66 25.51 -16.32
N VAL A 68 28.72 24.98 -16.93
CA VAL A 68 28.80 23.56 -17.24
C VAL A 68 30.10 22.96 -16.76
N GLU A 69 30.13 21.64 -16.62
CA GLU A 69 31.37 20.93 -16.36
C GLU A 69 31.27 19.48 -16.80
N LYS A 70 32.35 18.97 -17.38
CA LYS A 70 32.39 17.57 -17.82
C LYS A 70 32.69 16.68 -16.62
N VAL A 71 31.92 15.61 -16.50
CA VAL A 71 32.08 14.66 -15.40
C VAL A 71 32.08 13.24 -15.93
N GLN A 72 32.70 12.34 -15.17
CA GLN A 72 32.75 10.93 -15.55
C GLN A 72 31.91 10.10 -14.59
N LYS A 73 30.93 9.41 -15.14
CA LYS A 73 30.01 8.61 -14.33
C LYS A 73 29.90 7.20 -14.90
N LYS A 74 29.20 6.33 -14.18
CA LYS A 74 28.93 4.99 -14.68
C LYS A 74 27.48 4.91 -15.15
N PHE A 75 27.24 4.12 -16.19
CA PHE A 75 25.88 3.88 -16.67
C PHE A 75 25.69 2.40 -16.94
N LEU A 76 24.94 1.75 -16.05
CA LEU A 76 24.77 0.29 -16.07
C LEU A 76 26.12 -0.41 -16.11
N GLY A 77 27.05 0.06 -15.28
CA GLY A 77 28.37 -0.54 -15.19
C GLY A 77 29.42 0.14 -16.05
N ARG A 78 29.07 0.39 -17.31
CA ARG A 78 30.01 0.96 -18.27
C ARG A 78 30.29 2.43 -18.00
N PRO A 79 31.56 2.84 -18.14
CA PRO A 79 31.99 4.22 -17.90
C PRO A 79 31.46 5.19 -18.96
N VAL A 80 31.15 6.41 -18.56
CA VAL A 80 30.59 7.38 -19.49
C VAL A 80 30.98 8.82 -19.12
N GLU A 81 31.11 9.66 -20.13
CA GLU A 81 31.33 11.09 -19.91
C GLU A 81 30.11 11.88 -20.34
N VAL A 82 29.61 12.72 -19.45
CA VAL A 82 28.47 13.57 -19.76
C VAL A 82 28.74 14.97 -19.24
N TRP A 83 27.95 15.93 -19.72
CA TRP A 83 28.09 17.30 -19.27
C TRP A 83 27.05 17.65 -18.22
N LYS A 84 27.52 18.08 -17.06
CA LYS A 84 26.65 18.52 -15.99
C LYS A 84 26.28 19.99 -16.21
N LEU A 85 25.02 20.24 -16.51
CA LEU A 85 24.54 21.58 -16.83
C LEU A 85 23.86 22.20 -15.62
N TYR A 86 24.40 23.31 -15.13
CA TYR A 86 23.85 24.00 -13.96
C TYR A 86 22.93 25.14 -14.38
N PHE A 87 22.02 25.51 -13.48
CA PHE A 87 21.09 26.61 -13.73
C PHE A 87 20.90 27.47 -12.49
N THR A 88 20.32 28.65 -12.67
CA THR A 88 20.12 29.59 -11.58
C THR A 88 18.94 29.17 -10.69
N HIS A 89 17.85 28.75 -11.31
CA HIS A 89 16.62 28.44 -10.60
C HIS A 89 16.07 27.09 -11.06
N PRO A 90 15.55 26.29 -10.13
CA PRO A 90 15.05 24.95 -10.50
C PRO A 90 13.94 24.99 -11.55
N GLN A 91 13.22 26.09 -11.65
CA GLN A 91 12.15 26.20 -12.64
C GLN A 91 12.68 26.46 -14.05
N ASP A 92 13.98 26.70 -14.15
CA ASP A 92 14.64 26.85 -15.45
C ASP A 92 14.72 25.51 -16.17
N VAL A 93 14.86 24.45 -15.39
CA VAL A 93 15.01 23.10 -15.94
C VAL A 93 13.83 22.63 -16.80
N PRO A 94 12.57 22.74 -16.30
CA PRO A 94 11.47 22.31 -17.16
C PRO A 94 11.27 23.22 -18.38
N ALA A 95 11.83 24.42 -18.32
CA ALA A 95 11.64 25.40 -19.38
C ALA A 95 12.63 25.22 -20.53
N ILE A 96 13.78 24.65 -20.25
CA ILE A 96 14.85 24.56 -21.24
C ILE A 96 15.25 23.14 -21.62
N ARG A 97 14.84 22.15 -20.81
CA ARG A 97 15.29 20.77 -21.02
C ARG A 97 14.87 20.18 -22.36
N ASP A 98 13.71 20.61 -22.87
CA ASP A 98 13.23 20.15 -24.16
C ASP A 98 14.04 20.74 -25.30
N LYS A 99 14.38 22.03 -25.17
CA LYS A 99 15.18 22.70 -26.18
C LYS A 99 16.58 22.11 -26.27
N ILE A 100 17.11 21.68 -25.13
CA ILE A 100 18.45 21.09 -25.07
C ILE A 100 18.44 19.67 -25.64
N ARG A 101 17.38 18.92 -25.36
CA ARG A 101 17.24 17.57 -25.88
C ARG A 101 17.11 17.55 -27.40
N GLU A 102 16.30 18.46 -27.94
CA GLU A 102 16.04 18.51 -29.38
C GLU A 102 17.24 18.94 -30.20
N HIS A 103 18.28 19.46 -29.53
CA HIS A 103 19.50 19.85 -30.22
C HIS A 103 20.16 18.63 -30.84
N PRO A 104 20.54 18.72 -32.12
CA PRO A 104 21.07 17.60 -32.91
C PRO A 104 22.26 16.90 -32.27
N ALA A 105 23.19 17.67 -31.70
CA ALA A 105 24.41 17.10 -31.14
C ALA A 105 24.21 16.49 -29.76
N VAL A 106 22.98 16.53 -29.26
CA VAL A 106 22.67 15.96 -27.96
C VAL A 106 22.05 14.57 -28.11
N ILE A 107 22.80 13.56 -27.70
CA ILE A 107 22.33 12.18 -27.79
C ILE A 107 21.14 11.95 -26.86
N ASP A 108 21.28 12.41 -25.61
CA ASP A 108 20.20 12.29 -24.63
C ASP A 108 20.47 13.16 -23.40
N ILE A 109 19.45 13.35 -22.58
CA ILE A 109 19.61 14.05 -21.30
C ILE A 109 19.13 13.17 -20.14
N TYR A 110 19.62 13.46 -18.93
CA TYR A 110 19.34 12.60 -17.78
C TYR A 110 19.09 13.39 -16.50
N GLU A 111 18.36 12.76 -15.56
CA GLU A 111 18.08 13.33 -14.25
C GLU A 111 17.57 14.77 -14.35
N TYR A 112 16.52 14.95 -15.17
CA TYR A 112 15.99 16.26 -15.48
C TYR A 112 14.61 16.49 -14.86
N ASP A 113 14.09 15.47 -14.19
CA ASP A 113 12.77 15.55 -13.58
C ASP A 113 12.82 15.21 -12.10
N ILE A 114 13.88 15.65 -11.43
CA ILE A 114 14.02 15.43 -10.00
C ILE A 114 13.73 16.73 -9.27
N PRO A 115 12.68 16.73 -8.44
CA PRO A 115 12.29 17.94 -7.70
C PRO A 115 13.48 18.47 -6.89
N PHE A 116 13.65 19.79 -6.91
CA PHE A 116 14.77 20.47 -6.29
C PHE A 116 15.02 20.06 -4.83
N ALA A 117 13.95 20.05 -4.05
CA ALA A 117 14.05 19.75 -2.62
C ALA A 117 14.46 18.30 -2.35
N LYS A 118 14.07 17.40 -3.24
CA LYS A 118 14.43 15.99 -3.12
C LYS A 118 15.84 15.77 -3.63
N ARG A 119 16.20 16.51 -4.68
CA ARG A 119 17.57 16.52 -5.20
C ARG A 119 18.54 16.95 -4.11
N TYR A 120 18.09 17.86 -3.25
CA TYR A 120 18.92 18.40 -2.19
C TYR A 120 19.20 17.35 -1.12
N LEU A 121 18.14 16.65 -0.70
CA LEU A 121 18.27 15.61 0.32
C LEU A 121 19.25 14.52 -0.11
N ILE A 122 19.16 14.10 -1.37
CA ILE A 122 20.02 13.06 -1.91
C ILE A 122 21.47 13.54 -2.02
N ASP A 123 21.66 14.70 -2.63
CA ASP A 123 23.01 15.20 -2.88
C ASP A 123 23.77 15.61 -1.62
N LYS A 124 23.03 16.04 -0.61
CA LYS A 124 23.64 16.44 0.66
C LYS A 124 23.76 15.27 1.63
N GLY A 125 23.23 14.12 1.24
CA GLY A 125 23.29 12.93 2.07
C GLY A 125 22.41 13.02 3.30
N LEU A 126 21.36 13.83 3.22
CA LEU A 126 20.47 14.05 4.36
C LEU A 126 19.33 13.03 4.38
N VAL A 127 19.05 12.51 5.58
CA VAL A 127 18.02 11.50 5.75
C VAL A 127 16.95 11.96 6.73
N PRO A 128 15.70 12.08 6.26
CA PRO A 128 14.61 12.52 7.14
C PRO A 128 14.23 11.47 8.17
N MET A 129 13.62 11.90 9.27
CA MET A 129 13.13 11.00 10.31
C MET A 129 14.22 10.15 10.94
N GLU A 130 15.41 10.71 11.07
CA GLU A 130 16.54 9.99 11.66
C GLU A 130 16.72 10.41 13.12
N GLY A 131 16.81 9.44 14.01
CA GLY A 131 16.99 9.72 15.43
C GLY A 131 15.80 9.30 16.27
N ASP A 132 15.80 9.72 17.53
CA ASP A 132 14.75 9.35 18.46
C ASP A 132 13.92 10.53 18.94
N GLU A 133 13.87 11.59 18.14
CA GLU A 133 13.02 12.74 18.47
C GLU A 133 11.56 12.33 18.51
N GLU A 134 10.86 12.74 19.56
CA GLU A 134 9.44 12.44 19.70
C GLU A 134 8.61 13.58 19.11
N LEU A 135 7.79 13.25 18.12
CA LEU A 135 6.93 14.25 17.48
C LEU A 135 5.62 14.44 18.23
N LYS A 136 5.20 15.69 18.36
CA LYS A 136 3.89 15.99 18.92
C LYS A 136 2.84 15.86 17.81
N MET A 137 1.83 15.02 18.06
CA MET A 137 0.82 14.76 17.05
C MET A 137 -0.56 15.27 17.48
N LEU A 138 -1.36 15.65 16.50
CA LEU A 138 -2.73 16.05 16.75
C LEU A 138 -3.61 15.54 15.62
N ALA A 139 -4.67 14.82 15.98
CA ALA A 139 -5.64 14.39 14.99
C ALA A 139 -6.82 15.36 14.97
N PHE A 140 -7.51 15.43 13.85
CA PHE A 140 -8.75 16.19 13.78
C PHE A 140 -9.72 15.62 12.76
N ALA A 141 -10.99 15.97 12.92
CA ALA A 141 -12.05 15.53 12.01
C ALA A 141 -13.14 16.58 12.01
N ILE A 142 -14.00 16.55 10.99
CA ILE A 142 -15.12 17.48 10.92
C ILE A 142 -16.44 16.76 10.67
N ALA A 143 -17.53 17.41 11.06
CA ALA A 143 -18.86 16.92 10.73
C ALA A 143 -19.57 18.02 9.96
N THR A 144 -20.33 17.63 8.94
CA THR A 144 -20.93 18.60 8.03
C THR A 144 -22.42 18.41 7.82
N LEU A 145 -23.08 19.46 7.36
CA LEU A 145 -24.49 19.41 7.03
C LEU A 145 -24.63 18.94 5.59
N TYR A 146 -25.21 17.76 5.40
CA TYR A 146 -25.35 17.19 4.07
C TYR A 146 -26.78 17.20 3.55
N HIS A 147 -26.95 17.71 2.33
CA HIS A 147 -28.20 17.56 1.60
C HIS A 147 -27.88 17.00 0.21
N GLU A 148 -28.80 16.21 -0.33
CA GLU A 148 -28.49 15.35 -1.47
C GLU A 148 -28.14 16.06 -2.78
N GLY A 149 -28.86 17.11 -3.11
CA GLY A 149 -28.67 17.76 -4.41
C GLY A 149 -27.87 19.05 -4.38
N GLU A 150 -26.91 19.14 -3.46
CA GLU A 150 -26.14 20.37 -3.30
C GLU A 150 -24.70 20.26 -3.79
N GLU A 151 -24.06 21.41 -3.98
CA GLU A 151 -22.66 21.45 -4.38
C GLU A 151 -21.78 21.00 -3.21
N PHE A 152 -20.49 20.82 -3.50
CA PHE A 152 -19.55 20.47 -2.45
C PHE A 152 -19.40 21.62 -1.47
N ALA A 153 -19.47 21.30 -0.18
CA ALA A 153 -19.32 22.28 0.89
C ALA A 153 -20.34 23.43 0.79
N GLU A 154 -21.52 23.13 0.28
CA GLU A 154 -22.59 24.11 0.25
C GLU A 154 -23.18 24.24 1.65
N GLY A 155 -23.17 23.14 2.39
CA GLY A 155 -23.57 23.13 3.78
C GLY A 155 -22.42 23.49 4.68
N PRO A 156 -22.70 24.15 5.82
CA PRO A 156 -21.65 24.57 6.75
C PRO A 156 -21.02 23.39 7.49
N ILE A 157 -19.84 23.62 8.09
CA ILE A 157 -19.25 22.65 8.98
C ILE A 157 -19.97 22.75 10.33
N LEU A 158 -20.44 21.62 10.82
CA LEU A 158 -21.25 21.60 12.04
C LEU A 158 -20.36 21.48 13.28
N MET A 159 -19.35 20.63 13.19
CA MET A 159 -18.46 20.37 14.32
C MET A 159 -17.03 20.11 13.84
N ILE A 160 -16.06 20.58 14.61
CA ILE A 160 -14.67 20.22 14.41
C ILE A 160 -14.16 19.56 15.68
N SER A 161 -13.65 18.35 15.57
CA SER A 161 -13.11 17.64 16.73
C SER A 161 -11.61 17.42 16.59
N TYR A 162 -10.92 17.29 17.72
CA TYR A 162 -9.49 17.03 17.71
C TYR A 162 -9.11 16.17 18.90
N ALA A 163 -7.95 15.52 18.81
CA ALA A 163 -7.52 14.59 19.85
C ALA A 163 -6.01 14.43 19.90
N ASP A 164 -5.48 14.36 21.12
CA ASP A 164 -4.08 14.01 21.36
C ASP A 164 -3.97 13.28 22.69
N GLU A 165 -2.78 13.33 23.29
CA GLU A 165 -2.55 12.66 24.58
C GLU A 165 -3.44 13.18 25.69
N GLU A 166 -3.86 14.44 25.57
CA GLU A 166 -4.70 15.06 26.60
C GLU A 166 -6.17 14.65 26.46
N GLY A 167 -6.48 13.93 25.39
CA GLY A 167 -7.84 13.48 25.15
C GLY A 167 -8.46 14.10 23.91
N ALA A 168 -9.77 13.97 23.79
CA ALA A 168 -10.48 14.45 22.61
C ALA A 168 -11.51 15.52 22.97
N ARG A 169 -11.62 16.55 22.14
CA ARG A 169 -12.58 17.61 22.36
C ARG A 169 -13.35 17.93 21.07
N VAL A 170 -14.52 18.54 21.22
CA VAL A 170 -15.35 18.92 20.08
C VAL A 170 -15.71 20.40 20.14
N ILE A 171 -15.45 21.12 19.05
CA ILE A 171 -15.88 22.51 18.93
C ILE A 171 -17.13 22.57 18.06
N THR A 172 -18.17 23.25 18.53
CA THR A 172 -19.40 23.37 17.75
C THR A 172 -20.11 24.68 18.07
N TRP A 173 -21.04 25.07 17.19
CA TRP A 173 -21.76 26.33 17.38
C TRP A 173 -23.24 26.16 17.77
N LYS A 174 -23.54 25.01 18.37
CA LYS A 174 -24.82 24.82 19.04
C LYS A 174 -24.58 24.25 20.43
N ASN A 175 -25.54 24.46 21.33
CA ASN A 175 -25.41 24.01 22.70
C ASN A 175 -25.50 22.49 22.83
N VAL A 176 -24.41 21.86 23.25
CA VAL A 176 -24.38 20.43 23.51
C VAL A 176 -23.90 20.17 24.94
N ASP A 177 -24.71 19.47 25.72
CA ASP A 177 -24.40 19.23 27.12
C ASP A 177 -23.46 18.04 27.32
N LEU A 178 -22.21 18.21 26.90
CA LEU A 178 -21.17 17.22 27.11
C LEU A 178 -19.90 17.91 27.58
N PRO A 179 -19.17 17.30 28.53
CA PRO A 179 -17.99 17.91 29.14
C PRO A 179 -16.84 18.18 28.16
N TYR A 180 -16.77 17.41 27.07
CA TYR A 180 -15.69 17.58 26.11
C TYR A 180 -16.09 18.45 24.91
N VAL A 181 -17.25 19.08 24.99
CA VAL A 181 -17.70 19.96 23.93
C VAL A 181 -17.47 21.43 24.29
N ASP A 182 -16.84 22.17 23.38
CA ASP A 182 -16.68 23.61 23.53
C ASP A 182 -17.64 24.33 22.60
N VAL A 183 -18.45 25.22 23.17
CA VAL A 183 -19.48 25.89 22.39
C VAL A 183 -19.08 27.31 22.00
N VAL A 184 -19.20 27.61 20.71
CA VAL A 184 -18.95 28.94 20.19
C VAL A 184 -20.22 29.46 19.51
N SER A 185 -20.19 30.70 19.06
CA SER A 185 -21.40 31.35 18.53
C SER A 185 -21.71 31.00 17.07
N THR A 186 -20.68 30.85 16.25
CA THR A 186 -20.88 30.65 14.82
C THR A 186 -19.90 29.63 14.24
N GLU A 187 -20.15 29.26 12.99
CA GLU A 187 -19.25 28.39 12.25
C GLU A 187 -17.89 29.06 12.09
N ARG A 188 -17.92 30.35 11.81
CA ARG A 188 -16.70 31.15 11.66
C ARG A 188 -15.87 31.13 12.95
N GLU A 189 -16.55 31.26 14.08
CA GLU A 189 -15.88 31.24 15.37
C GLU A 189 -15.30 29.86 15.66
N MET A 190 -16.00 28.83 15.19
CA MET A 190 -15.56 27.46 15.39
C MET A 190 -14.25 27.19 14.65
N ILE A 191 -14.19 27.65 13.40
CA ILE A 191 -12.98 27.51 12.60
C ILE A 191 -11.82 28.29 13.23
N LYS A 192 -12.07 29.54 13.59
CA LYS A 192 -11.06 30.38 14.23
C LYS A 192 -10.56 29.76 15.52
N ARG A 193 -11.46 29.17 16.28
CA ARG A 193 -11.10 28.50 17.53
C ARG A 193 -10.18 27.31 17.25
N PHE A 194 -10.45 26.60 16.16
CA PHE A 194 -9.61 25.47 15.78
C PHE A 194 -8.21 25.93 15.39
N LEU A 195 -8.11 27.07 14.70
CA LEU A 195 -6.81 27.65 14.36
C LEU A 195 -5.98 27.91 15.60
N ARG A 196 -6.62 28.45 16.64
CA ARG A 196 -5.91 28.78 17.87
C ARG A 196 -5.41 27.53 18.59
N VAL A 197 -6.22 26.47 18.57
CA VAL A 197 -5.83 25.20 19.17
C VAL A 197 -4.55 24.66 18.52
N VAL A 198 -4.55 24.61 17.20
CA VAL A 198 -3.41 24.12 16.45
C VAL A 198 -2.18 25.00 16.70
N LYS A 199 -2.41 26.31 16.75
CA LYS A 199 -1.32 27.25 16.97
C LYS A 199 -0.71 27.07 18.37
N GLU A 200 -1.57 26.90 19.37
CA GLU A 200 -1.10 26.76 20.75
C GLU A 200 -0.50 25.39 21.04
N LYS A 201 -1.11 24.33 20.50
CA LYS A 201 -0.57 22.99 20.65
C LYS A 201 0.70 22.80 19.82
N ASP A 202 0.76 23.50 18.70
CA ASP A 202 1.89 23.46 17.78
C ASP A 202 2.38 22.03 17.47
N PRO A 203 1.47 21.19 16.94
CA PRO A 203 1.88 19.81 16.68
C PRO A 203 2.82 19.71 15.47
N ASP A 204 3.70 18.70 15.50
CA ASP A 204 4.58 18.44 14.36
C ASP A 204 3.83 17.67 13.29
N VAL A 205 2.84 16.88 13.71
CA VAL A 205 2.05 16.06 12.80
C VAL A 205 0.56 16.33 12.94
N LEU A 206 -0.11 16.60 11.81
CA LEU A 206 -1.56 16.66 11.77
C LEU A 206 -2.09 15.37 11.17
N ILE A 207 -2.90 14.65 11.93
CA ILE A 207 -3.41 13.36 11.50
C ILE A 207 -4.86 13.44 11.09
N THR A 208 -5.17 12.97 9.88
CA THR A 208 -6.55 12.95 9.40
C THR A 208 -6.91 11.58 8.85
N TYR A 209 -8.20 11.37 8.61
CA TYR A 209 -8.64 10.20 7.86
C TYR A 209 -9.36 10.66 6.60
N ASN A 210 -8.67 10.54 5.48
CA ASN A 210 -9.13 11.04 4.18
C ASN A 210 -9.12 12.56 4.10
N GLY A 211 -8.23 13.18 4.85
CA GLY A 211 -8.08 14.62 4.85
C GLY A 211 -7.55 15.15 3.52
N ASP A 212 -6.85 14.28 2.78
CA ASP A 212 -6.33 14.66 1.46
C ASP A 212 -7.45 14.98 0.47
N ASN A 213 -8.58 14.29 0.60
CA ASN A 213 -9.64 14.40 -0.41
C ASN A 213 -10.99 14.88 0.11
N PHE A 214 -11.08 15.22 1.39
CA PHE A 214 -12.34 15.72 1.94
C PHE A 214 -12.14 16.89 2.90
N ASP A 215 -11.61 16.60 4.08
CA ASP A 215 -11.55 17.56 5.18
C ASP A 215 -10.94 18.90 4.81
N PHE A 216 -9.72 18.88 4.29
CA PHE A 216 -9.04 20.13 3.93
C PHE A 216 -9.74 20.88 2.80
N ALA A 217 -10.31 20.13 1.86
CA ALA A 217 -11.04 20.73 0.75
C ALA A 217 -12.29 21.42 1.26
N TYR A 218 -12.95 20.80 2.22
CA TYR A 218 -14.16 21.34 2.81
C TYR A 218 -13.86 22.60 3.62
N LEU A 219 -12.79 22.53 4.42
CA LEU A 219 -12.35 23.67 5.21
C LEU A 219 -11.99 24.85 4.31
N LYS A 220 -11.32 24.55 3.20
CA LYS A 220 -10.89 25.58 2.27
C LYS A 220 -12.07 26.35 1.68
N LYS A 221 -13.07 25.63 1.17
CA LYS A 221 -14.24 26.27 0.57
C LYS A 221 -15.02 27.08 1.58
N ARG A 222 -15.05 26.59 2.82
CA ARG A 222 -15.74 27.28 3.90
C ARG A 222 -15.03 28.55 4.36
N CYS A 223 -13.71 28.51 4.42
CA CYS A 223 -12.93 29.68 4.80
C CYS A 223 -13.02 30.76 3.73
N GLU A 224 -13.17 30.34 2.47
CA GLU A 224 -13.36 31.28 1.37
C GLU A 224 -14.74 31.91 1.47
N LYS A 225 -15.73 31.10 1.84
CA LYS A 225 -17.11 31.55 1.94
C LYS A 225 -17.30 32.49 3.12
N LEU A 226 -16.50 32.31 4.17
CA LEU A 226 -16.66 33.08 5.41
C LEU A 226 -15.58 34.15 5.58
N GLY A 227 -14.59 34.16 4.68
CA GLY A 227 -13.53 35.15 4.74
C GLY A 227 -12.57 34.93 5.88
N ILE A 228 -12.01 33.73 5.96
CA ILE A 228 -11.06 33.38 7.00
C ILE A 228 -9.70 33.01 6.40
N ASN A 229 -8.63 33.56 6.97
CA ASN A 229 -7.28 33.14 6.60
C ASN A 229 -6.91 31.86 7.34
N PHE A 230 -7.06 30.73 6.66
CA PHE A 230 -6.85 29.41 7.27
C PHE A 230 -5.36 29.09 7.41
N ALA A 231 -4.70 29.80 8.32
CA ALA A 231 -3.24 29.71 8.47
C ALA A 231 -2.81 28.57 9.40
N LEU A 232 -2.77 27.35 8.87
CA LEU A 232 -2.38 26.18 9.66
C LEU A 232 -0.86 25.98 9.72
N GLY A 233 -0.16 26.48 8.71
CA GLY A 233 1.28 26.27 8.62
C GLY A 233 2.06 26.98 9.71
N ARG A 234 3.24 26.46 10.01
CA ARG A 234 4.11 27.07 11.02
C ARG A 234 4.72 28.38 10.53
N ASP A 235 4.55 28.66 9.24
CA ASP A 235 5.04 29.92 8.66
C ASP A 235 3.87 30.84 8.32
N GLY A 236 2.71 30.54 8.89
CA GLY A 236 1.51 31.35 8.67
C GLY A 236 0.77 31.03 7.38
N SER A 237 1.24 30.02 6.66
CA SER A 237 0.69 29.69 5.36
C SER A 237 -0.59 28.87 5.45
N GLU A 238 -1.39 28.91 4.38
CA GLU A 238 -2.57 28.08 4.27
C GLU A 238 -2.17 26.74 3.68
N PRO A 239 -2.95 25.68 3.94
CA PRO A 239 -2.65 24.35 3.40
C PRO A 239 -2.53 24.38 1.87
N LYS A 240 -1.46 23.78 1.36
CA LYS A 240 -1.22 23.73 -0.08
C LYS A 240 -1.81 22.45 -0.67
N ILE A 241 -2.66 22.60 -1.68
CA ILE A 241 -3.32 21.46 -2.30
C ILE A 241 -2.61 21.06 -3.60
N GLN A 242 -2.33 19.78 -3.75
CA GLN A 242 -1.64 19.27 -4.93
C GLN A 242 -2.42 18.18 -5.65
N ARG A 243 -2.09 17.98 -6.91
CA ARG A 243 -2.75 16.97 -7.73
C ARG A 243 -1.88 15.71 -7.82
N MET A 244 -2.40 14.60 -7.32
CA MET A 244 -1.75 13.30 -7.48
C MET A 244 -2.56 12.41 -8.40
N GLY A 245 -2.39 12.60 -9.70
CA GLY A 245 -3.16 11.85 -10.69
C GLY A 245 -4.61 12.27 -10.69
N ASP A 246 -5.49 11.33 -10.39
CA ASP A 246 -6.93 11.59 -10.38
C ASP A 246 -7.43 11.98 -8.99
N ARG A 247 -6.52 12.04 -8.04
CA ARG A 247 -6.87 12.38 -6.66
C ARG A 247 -6.10 13.62 -6.20
N PHE A 248 -6.20 13.94 -4.91
CA PHE A 248 -5.51 15.11 -4.37
C PHE A 248 -4.67 14.78 -3.14
N ALA A 249 -3.86 15.74 -2.73
CA ALA A 249 -3.02 15.60 -1.54
C ALA A 249 -2.79 16.98 -0.94
N VAL A 250 -2.67 17.05 0.38
CA VAL A 250 -2.55 18.33 1.05
C VAL A 250 -1.33 18.43 1.97
N GLU A 251 -0.50 19.45 1.76
CA GLU A 251 0.61 19.74 2.66
C GLU A 251 0.23 20.83 3.65
N VAL A 252 0.84 20.79 4.83
CA VAL A 252 0.79 21.91 5.75
C VAL A 252 2.21 22.28 6.14
N LYS A 253 2.68 23.42 5.64
CA LYS A 253 4.07 23.84 5.79
C LYS A 253 4.54 23.91 7.25
N GLY A 254 5.69 23.32 7.52
CA GLY A 254 6.26 23.36 8.86
C GLY A 254 5.86 22.15 9.68
N ARG A 255 4.83 21.45 9.23
CA ARG A 255 4.39 20.25 9.89
C ARG A 255 4.25 19.11 8.88
N ILE A 256 3.74 17.97 9.34
CA ILE A 256 3.51 16.84 8.45
C ILE A 256 2.03 16.46 8.48
N HIS A 257 1.33 16.66 7.37
CA HIS A 257 -0.03 16.16 7.25
C HIS A 257 -0.02 14.66 6.98
N PHE A 258 -0.35 13.87 7.98
CA PHE A 258 -0.38 12.42 7.86
C PHE A 258 -1.80 11.92 7.64
N ASP A 259 -2.15 11.67 6.40
CA ASP A 259 -3.46 11.10 6.06
C ASP A 259 -3.40 9.59 6.19
N LEU A 260 -4.14 9.05 7.16
CA LEU A 260 -4.17 7.62 7.45
C LEU A 260 -4.78 6.80 6.32
N TYR A 261 -5.63 7.41 5.51
CA TYR A 261 -6.38 6.66 4.51
C TYR A 261 -5.53 5.94 3.46
N PRO A 262 -4.63 6.66 2.77
CA PRO A 262 -3.81 5.93 1.80
C PRO A 262 -2.86 4.92 2.45
N VAL A 263 -2.42 5.23 3.67
CA VAL A 263 -1.50 4.35 4.40
C VAL A 263 -2.13 3.00 4.72
N ILE A 264 -3.28 3.04 5.41
CA ILE A 264 -3.98 1.83 5.81
C ILE A 264 -4.45 1.04 4.59
N ARG A 265 -4.75 1.76 3.52
CA ARG A 265 -5.14 1.17 2.24
C ARG A 265 -4.09 0.17 1.73
N ARG A 266 -2.83 0.46 2.00
CA ARG A 266 -1.71 -0.37 1.53
C ARG A 266 -1.31 -1.43 2.54
N THR A 267 -1.34 -1.05 3.82
CA THR A 267 -0.80 -1.88 4.89
C THR A 267 -1.62 -3.14 5.13
N ILE A 268 -2.93 -2.97 5.31
CA ILE A 268 -3.81 -4.11 5.60
C ILE A 268 -4.93 -4.25 4.56
N ASN A 269 -5.43 -5.47 4.43
CA ASN A 269 -6.48 -5.79 3.47
C ASN A 269 -7.81 -5.98 4.19
N LEU A 270 -8.75 -5.09 3.92
CA LEU A 270 -10.07 -5.14 4.54
C LEU A 270 -11.16 -5.08 3.46
N PRO A 271 -12.35 -5.62 3.78
CA PRO A 271 -13.49 -5.51 2.87
C PRO A 271 -13.85 -4.05 2.59
N THR A 272 -13.96 -3.23 3.63
CA THR A 272 -14.19 -1.79 3.46
C THR A 272 -13.19 -1.00 4.29
N TYR A 273 -13.03 0.27 3.94
CA TYR A 273 -12.08 1.13 4.63
C TYR A 273 -12.75 2.33 5.29
N THR A 274 -13.97 2.14 5.78
CA THR A 274 -14.61 3.16 6.60
C THR A 274 -13.81 3.25 7.90
N LEU A 275 -13.85 4.41 8.54
CA LEU A 275 -13.12 4.62 9.78
C LEU A 275 -13.55 3.62 10.85
N GLU A 276 -14.81 3.22 10.82
CA GLU A 276 -15.34 2.25 11.77
C GLU A 276 -14.76 0.85 11.57
N ALA A 277 -14.72 0.40 10.32
CA ALA A 277 -14.19 -0.92 10.01
C ALA A 277 -12.70 -1.02 10.32
N VAL A 278 -11.96 0.02 9.94
CA VAL A 278 -10.52 0.06 10.17
C VAL A 278 -10.17 -0.02 11.66
N TYR A 279 -10.84 0.80 12.46
CA TYR A 279 -10.62 0.83 13.91
C TYR A 279 -10.94 -0.52 14.55
N GLU A 280 -12.04 -1.12 14.12
CA GLU A 280 -12.53 -2.36 14.71
C GLU A 280 -11.63 -3.54 14.37
N ALA A 281 -10.93 -3.46 13.24
CA ALA A 281 -10.06 -4.54 12.82
C ALA A 281 -8.68 -4.43 13.49
N VAL A 282 -8.24 -3.20 13.70
CA VAL A 282 -6.92 -2.96 14.29
C VAL A 282 -6.92 -3.09 15.82
N PHE A 283 -7.93 -2.52 16.47
CA PHE A 283 -7.99 -2.52 17.93
C PHE A 283 -8.99 -3.51 18.51
N GLY A 284 -9.76 -4.16 17.64
CA GLY A 284 -10.71 -5.16 18.08
C GLY A 284 -11.84 -4.62 18.92
N GLN A 285 -12.10 -3.31 18.81
CA GLN A 285 -13.17 -2.67 19.56
C GLN A 285 -14.17 -2.01 18.62
N PRO A 286 -15.47 -2.10 18.95
CA PRO A 286 -16.53 -1.55 18.09
C PRO A 286 -16.56 -0.03 18.03
N LYS A 287 -17.03 0.50 16.90
CA LYS A 287 -17.26 1.93 16.76
C LYS A 287 -18.56 2.15 15.97
N GLU A 288 -19.52 2.83 16.59
CA GLU A 288 -20.82 3.05 15.95
C GLU A 288 -20.76 4.15 14.89
N LYS A 289 -21.43 3.91 13.77
CA LYS A 289 -21.50 4.88 12.69
C LYS A 289 -22.75 5.74 12.83
N VAL A 290 -22.60 7.04 12.68
CA VAL A 290 -23.74 7.95 12.61
C VAL A 290 -23.77 8.55 11.21
N TYR A 291 -24.83 8.28 10.46
CA TYR A 291 -24.89 8.63 9.05
C TYR A 291 -25.23 10.09 8.82
N ALA A 292 -24.95 10.57 7.60
CA ALA A 292 -25.13 11.97 7.26
C ALA A 292 -26.57 12.44 7.46
N GLU A 293 -27.53 11.56 7.19
CA GLU A 293 -28.94 11.87 7.37
C GLU A 293 -29.25 12.17 8.83
N GLU A 294 -28.75 11.30 9.71
CA GLU A 294 -28.98 11.46 11.14
C GLU A 294 -28.36 12.73 11.68
N ILE A 295 -27.18 13.07 11.15
CA ILE A 295 -26.48 14.29 11.55
C ILE A 295 -27.28 15.52 11.13
N THR A 296 -27.74 15.54 9.89
CA THR A 296 -28.53 16.64 9.38
C THR A 296 -29.85 16.77 10.13
N THR A 297 -30.54 15.65 10.32
CA THR A 297 -31.79 15.61 11.06
C THR A 297 -31.61 16.13 12.49
N ALA A 298 -30.54 15.69 13.15
CA ALA A 298 -30.25 16.12 14.51
C ALA A 298 -29.99 17.61 14.62
N TRP A 299 -29.32 18.17 13.62
CA TRP A 299 -28.95 19.58 13.63
C TRP A 299 -30.15 20.49 13.34
N GLU A 300 -31.08 20.01 12.53
CA GLU A 300 -32.24 20.80 12.15
C GLU A 300 -33.35 20.74 13.20
N THR A 301 -33.54 19.57 13.79
CA THR A 301 -34.55 19.39 14.83
C THR A 301 -33.99 19.76 16.20
N GLY A 302 -32.67 19.78 16.31
CA GLY A 302 -32.00 20.13 17.54
C GLY A 302 -32.09 19.07 18.61
N GLU A 303 -32.41 17.84 18.21
CA GLU A 303 -32.74 16.77 19.15
C GLU A 303 -31.54 15.99 19.69
N ASN A 304 -31.12 14.96 18.96
CA ASN A 304 -30.06 14.07 19.41
C ASN A 304 -28.66 14.58 19.11
N LEU A 305 -28.34 15.79 19.56
CA LEU A 305 -27.04 16.39 19.30
C LEU A 305 -25.90 15.78 20.13
N GLU A 306 -26.25 15.15 21.26
CA GLU A 306 -25.27 14.46 22.07
C GLU A 306 -24.67 13.30 21.29
N ARG A 307 -25.55 12.54 20.63
CA ARG A 307 -25.14 11.40 19.82
C ARG A 307 -24.20 11.82 18.72
N VAL A 308 -24.51 12.93 18.07
CA VAL A 308 -23.67 13.46 16.99
C VAL A 308 -22.32 13.93 17.52
N ALA A 309 -22.34 14.66 18.62
CA ALA A 309 -21.11 15.18 19.23
C ALA A 309 -20.20 14.05 19.70
N ARG A 310 -20.80 12.97 20.19
CA ARG A 310 -20.03 11.82 20.65
C ARG A 310 -19.37 11.12 19.48
N TYR A 311 -20.09 11.05 18.36
CA TYR A 311 -19.55 10.45 17.15
C TYR A 311 -18.39 11.30 16.63
N SER A 312 -18.57 12.62 16.68
CA SER A 312 -17.52 13.54 16.27
C SER A 312 -16.28 13.37 17.13
N MET A 313 -16.50 13.19 18.44
CA MET A 313 -15.41 13.01 19.39
C MET A 313 -14.66 11.71 19.11
N GLU A 314 -15.40 10.64 18.85
CA GLU A 314 -14.79 9.34 18.62
C GLU A 314 -13.99 9.31 17.31
N ASP A 315 -14.42 10.10 16.34
CA ASP A 315 -13.70 10.19 15.07
C ASP A 315 -12.28 10.69 15.30
N ALA A 316 -12.17 11.78 16.05
CA ALA A 316 -10.86 12.34 16.36
C ALA A 316 -10.05 11.41 17.24
N LYS A 317 -10.72 10.82 18.23
CA LYS A 317 -10.06 9.91 19.16
C LYS A 317 -9.45 8.69 18.46
N VAL A 318 -10.25 7.98 17.66
CA VAL A 318 -9.74 6.79 16.98
C VAL A 318 -8.73 7.15 15.89
N THR A 319 -8.88 8.32 15.30
CA THR A 319 -7.93 8.79 14.29
C THR A 319 -6.57 9.00 14.93
N TYR A 320 -6.57 9.54 16.14
CA TYR A 320 -5.33 9.72 16.88
C TYR A 320 -4.74 8.37 17.29
N GLU A 321 -5.60 7.45 17.70
CA GLU A 321 -5.16 6.11 18.10
C GLU A 321 -4.54 5.36 16.93
N LEU A 322 -5.20 5.41 15.77
CA LEU A 322 -4.70 4.76 14.57
C LEU A 322 -3.40 5.41 14.08
N GLY A 323 -3.35 6.74 14.17
CA GLY A 323 -2.15 7.47 13.80
C GLY A 323 -0.96 7.04 14.62
N LYS A 324 -1.20 6.82 15.91
CA LYS A 324 -0.16 6.36 16.82
C LYS A 324 0.31 4.96 16.43
N GLU A 325 -0.59 4.18 15.84
CA GLU A 325 -0.30 2.79 15.47
C GLU A 325 0.45 2.65 14.15
N PHE A 326 0.14 3.52 13.18
CA PHE A 326 0.70 3.38 11.84
C PHE A 326 1.84 4.33 11.50
N LEU A 327 1.92 5.47 12.19
CA LEU A 327 2.95 6.45 11.87
C LEU A 327 4.39 6.01 12.11
N PRO A 328 4.69 5.41 13.28
CA PRO A 328 6.09 5.02 13.52
C PRO A 328 6.63 4.03 12.48
N MET A 329 5.78 3.16 11.96
CA MET A 329 6.20 2.25 10.89
C MET A 329 6.52 3.00 9.60
N GLU A 330 5.64 3.94 9.24
CA GLU A 330 5.85 4.75 8.04
C GLU A 330 7.06 5.67 8.18
N ALA A 331 7.34 6.07 9.42
CA ALA A 331 8.48 6.92 9.70
C ALA A 331 9.78 6.18 9.43
N GLN A 332 9.84 4.91 9.83
CA GLN A 332 11.02 4.10 9.62
C GLN A 332 11.18 3.77 8.14
N LEU A 333 10.06 3.61 7.45
CA LEU A 333 10.07 3.40 6.01
C LEU A 333 10.62 4.66 5.31
N SER A 334 10.22 5.83 5.80
CA SER A 334 10.70 7.10 5.25
C SER A 334 12.22 7.27 5.42
N ARG A 335 12.71 6.95 6.62
CA ARG A 335 14.14 7.00 6.89
C ARG A 335 14.93 6.05 5.98
N LEU A 336 14.35 4.87 5.71
CA LEU A 336 15.01 3.88 4.87
C LEU A 336 15.16 4.38 3.43
N ILE A 337 14.03 4.80 2.85
CA ILE A 337 13.99 5.28 1.48
C ILE A 337 14.75 6.60 1.32
N GLY A 338 14.75 7.41 2.37
CA GLY A 338 15.48 8.66 2.38
C GLY A 338 14.67 9.85 1.86
N GLN A 339 13.35 9.77 1.99
CA GLN A 339 12.48 10.89 1.62
C GLN A 339 11.50 11.21 2.75
N SER A 340 10.82 12.34 2.64
CA SER A 340 9.94 12.82 3.71
C SER A 340 8.79 11.86 3.98
N LEU A 341 8.31 11.87 5.22
CA LEU A 341 7.16 11.07 5.61
C LEU A 341 5.92 11.42 4.79
N TRP A 342 5.81 12.69 4.39
CA TRP A 342 4.68 13.15 3.59
C TRP A 342 4.61 12.41 2.25
N ASP A 343 5.74 12.34 1.56
CA ASP A 343 5.81 11.67 0.26
C ASP A 343 5.71 10.15 0.41
N VAL A 344 6.48 9.59 1.33
CA VAL A 344 6.55 8.15 1.52
C VAL A 344 5.20 7.53 1.88
N SER A 345 4.46 8.21 2.75
CA SER A 345 3.16 7.70 3.18
C SER A 345 2.11 7.73 2.07
N ARG A 346 2.39 8.49 1.01
CA ARG A 346 1.47 8.60 -0.11
C ARG A 346 2.00 7.89 -1.35
N SER A 347 3.19 7.30 -1.24
CA SER A 347 3.81 6.64 -2.37
C SER A 347 3.60 5.13 -2.34
N SER A 348 3.41 4.55 -3.52
CA SER A 348 3.29 3.10 -3.61
C SER A 348 4.65 2.46 -3.85
N THR A 349 4.64 1.14 -4.04
CA THR A 349 5.84 0.33 -4.20
C THR A 349 6.83 0.86 -5.22
N GLY A 350 6.34 1.19 -6.42
CA GLY A 350 7.18 1.63 -7.51
C GLY A 350 8.02 2.84 -7.19
N ASN A 351 7.37 3.89 -6.67
CA ASN A 351 8.07 5.12 -6.32
C ASN A 351 9.07 4.94 -5.18
N LEU A 352 8.73 4.11 -4.20
CA LEU A 352 9.60 3.90 -3.05
C LEU A 352 10.94 3.30 -3.44
N VAL A 353 10.92 2.26 -4.26
CA VAL A 353 12.13 1.61 -4.72
C VAL A 353 12.97 2.59 -5.54
N GLU A 354 12.31 3.32 -6.44
CA GLU A 354 12.97 4.24 -7.34
C GLU A 354 13.75 5.32 -6.59
N TRP A 355 13.14 5.90 -5.57
CA TRP A 355 13.80 6.93 -4.78
C TRP A 355 14.98 6.36 -3.99
N PHE A 356 14.83 5.13 -3.50
CA PHE A 356 15.92 4.47 -2.82
C PHE A 356 17.09 4.27 -3.79
N LEU A 357 16.78 3.77 -4.98
CA LEU A 357 17.81 3.52 -5.99
C LEU A 357 18.47 4.82 -6.45
N LEU A 358 17.68 5.88 -6.56
CA LEU A 358 18.17 7.18 -6.97
C LEU A 358 19.22 7.71 -5.99
N ARG A 359 18.95 7.54 -4.69
CA ARG A 359 19.90 7.97 -3.67
C ARG A 359 21.19 7.14 -3.75
N LYS A 360 21.04 5.82 -3.82
CA LYS A 360 22.19 4.92 -3.89
C LYS A 360 23.00 5.15 -5.16
N ALA A 361 22.30 5.45 -6.26
CA ALA A 361 22.96 5.70 -7.54
C ALA A 361 23.86 6.93 -7.44
N TYR A 362 23.41 7.95 -6.73
CA TYR A 362 24.20 9.15 -6.55
C TYR A 362 25.44 8.85 -5.71
N GLU A 363 25.27 8.03 -4.68
CA GLU A 363 26.35 7.66 -3.78
C GLU A 363 27.42 6.85 -4.50
N ARG A 364 27.03 6.15 -5.56
CA ARG A 364 27.94 5.28 -6.31
C ARG A 364 28.38 5.91 -7.62
N ASN A 365 28.10 7.19 -7.80
CA ASN A 365 28.40 7.89 -9.05
C ASN A 365 27.78 7.19 -10.25
N GLU A 366 26.56 6.68 -10.06
CA GLU A 366 25.87 5.94 -11.10
C GLU A 366 24.80 6.82 -11.75
N LEU A 367 24.96 7.06 -13.05
CA LEU A 367 23.99 7.85 -13.80
C LEU A 367 22.68 7.09 -13.91
N ALA A 368 21.59 7.74 -13.49
CA ALA A 368 20.29 7.08 -13.49
C ALA A 368 19.63 7.15 -14.86
N PRO A 369 19.09 6.00 -15.32
CA PRO A 369 18.31 5.97 -16.57
C PRO A 369 17.01 6.76 -16.43
N ASN A 370 16.50 7.25 -17.55
CA ASN A 370 15.29 8.04 -17.56
C ASN A 370 14.03 7.20 -17.46
N LYS A 371 12.93 7.84 -17.09
CA LYS A 371 11.61 7.24 -17.22
C LYS A 371 11.39 6.93 -18.70
N PRO A 372 10.62 5.89 -18.99
CA PRO A 372 10.36 5.54 -20.39
C PRO A 372 9.40 6.54 -21.03
N ASP A 373 9.66 6.93 -22.27
CA ASP A 373 8.71 7.75 -23.02
C ASP A 373 7.56 6.87 -23.48
N GLU A 374 6.57 7.47 -24.14
CA GLU A 374 5.39 6.73 -24.57
C GLU A 374 5.72 5.60 -25.55
N LYS A 375 6.69 5.85 -26.43
CA LYS A 375 7.11 4.84 -27.39
C LYS A 375 7.73 3.63 -26.70
N GLU A 376 8.72 3.90 -25.85
CA GLU A 376 9.40 2.85 -25.09
C GLU A 376 8.42 2.13 -24.16
N LEU A 377 7.45 2.87 -23.63
CA LEU A 377 6.48 2.31 -22.71
C LEU A 377 5.63 1.24 -23.40
N ALA A 378 5.24 1.50 -24.64
CA ALA A 378 4.44 0.56 -25.41
C ALA A 378 5.25 -0.68 -25.78
N ARG A 379 6.57 -0.51 -25.82
CA ARG A 379 7.47 -1.60 -26.16
C ARG A 379 7.67 -2.52 -24.96
N ARG A 380 7.27 -2.06 -23.79
CA ARG A 380 7.45 -2.82 -22.55
C ARG A 380 6.18 -3.52 -22.10
N ARG A 381 5.26 -3.76 -23.03
CA ARG A 381 4.01 -4.45 -22.69
C ARG A 381 4.10 -5.96 -22.89
N GLN A 382 5.28 -6.42 -23.28
CA GLN A 382 5.54 -7.85 -23.39
C GLN A 382 5.63 -8.46 -21.99
N SER A 383 4.93 -9.57 -21.78
CA SER A 383 4.92 -10.22 -20.47
C SER A 383 5.83 -11.45 -20.45
N TYR A 384 5.77 -12.20 -19.35
CA TYR A 384 6.65 -13.37 -19.18
C TYR A 384 5.99 -14.39 -18.25
N GLU A 385 6.56 -15.58 -18.19
CA GLU A 385 6.01 -16.64 -17.35
C GLU A 385 6.39 -16.46 -15.88
N GLY A 386 5.43 -16.71 -14.99
CA GLY A 386 5.62 -16.46 -13.57
C GLY A 386 5.91 -17.71 -12.76
N GLY A 387 5.35 -17.77 -11.56
CA GLY A 387 5.61 -18.85 -10.64
C GLY A 387 4.93 -20.16 -11.01
N TYR A 388 5.49 -21.26 -10.52
CA TYR A 388 4.93 -22.59 -10.74
C TYR A 388 3.82 -22.90 -9.73
N VAL A 389 2.72 -23.43 -10.23
CA VAL A 389 1.62 -23.85 -9.36
C VAL A 389 1.19 -25.28 -9.68
N LYS A 390 1.42 -26.18 -8.73
CA LYS A 390 1.04 -27.58 -8.88
C LYS A 390 -0.47 -27.75 -8.68
N GLU A 391 -1.09 -28.56 -9.54
CA GLU A 391 -2.49 -28.93 -9.32
C GLU A 391 -2.56 -29.83 -8.11
N PRO A 392 -3.33 -29.42 -7.09
CA PRO A 392 -3.37 -30.17 -5.83
C PRO A 392 -4.07 -31.51 -5.95
N GLU A 393 -3.63 -32.48 -5.15
CA GLU A 393 -4.43 -33.68 -4.95
C GLU A 393 -5.51 -33.30 -3.95
N ARG A 394 -6.70 -33.01 -4.47
CA ARG A 394 -7.78 -32.43 -3.70
C ARG A 394 -8.30 -33.36 -2.61
N GLY A 395 -8.76 -32.76 -1.51
CA GLY A 395 -9.35 -33.54 -0.43
C GLY A 395 -8.74 -33.27 0.93
N LEU A 396 -9.12 -34.09 1.90
CA LEU A 396 -8.66 -33.94 3.27
C LEU A 396 -7.41 -34.78 3.51
N TRP A 397 -6.34 -34.16 4.00
CA TRP A 397 -5.10 -34.87 4.29
C TRP A 397 -4.70 -34.73 5.75
N GLU A 398 -3.91 -35.69 6.22
CA GLU A 398 -3.54 -35.78 7.62
C GLU A 398 -2.03 -35.57 7.81
N ASN A 399 -1.66 -34.87 8.88
CA ASN A 399 -0.26 -34.69 9.26
C ASN A 399 0.60 -34.11 8.15
N ILE A 400 0.41 -32.83 7.87
CA ILE A 400 1.04 -32.18 6.73
C ILE A 400 2.14 -31.23 7.18
N VAL A 401 3.26 -31.26 6.47
CA VAL A 401 4.33 -30.31 6.71
C VAL A 401 4.41 -29.31 5.56
N TYR A 402 4.58 -28.03 5.89
CA TYR A 402 4.79 -27.03 4.87
C TYR A 402 6.25 -26.59 4.85
N LEU A 403 6.89 -26.74 3.69
CA LEU A 403 8.27 -26.33 3.51
C LEU A 403 8.32 -25.22 2.47
N ASP A 404 9.11 -24.19 2.73
CA ASP A 404 9.23 -23.09 1.78
C ASP A 404 10.59 -22.41 1.83
N PHE A 405 10.94 -21.73 0.74
CA PHE A 405 12.21 -21.02 0.68
C PHE A 405 12.18 -19.72 1.47
N ARG A 406 13.27 -19.44 2.18
CA ARG A 406 13.43 -18.15 2.82
C ARG A 406 13.80 -17.11 1.75
N SER A 407 12.87 -16.20 1.49
CA SER A 407 13.08 -15.11 0.52
C SER A 407 13.58 -15.61 -0.84
N LEU A 408 12.78 -16.44 -1.51
CA LEU A 408 13.21 -17.09 -2.74
C LEU A 408 13.72 -16.11 -3.80
N TYR A 409 12.90 -15.13 -4.16
CA TYR A 409 13.28 -14.17 -5.20
C TYR A 409 14.49 -13.29 -4.84
N PRO A 410 14.52 -12.73 -3.62
CA PRO A 410 15.74 -11.99 -3.24
C PRO A 410 16.97 -12.89 -3.18
N SER A 411 16.81 -14.13 -2.74
CA SER A 411 17.92 -15.07 -2.67
C SER A 411 18.48 -15.34 -4.06
N ILE A 412 17.58 -15.47 -5.04
CA ILE A 412 17.99 -15.72 -6.42
C ILE A 412 18.75 -14.53 -7.00
N ILE A 413 18.24 -13.33 -6.77
CA ILE A 413 18.88 -12.10 -7.24
C ILE A 413 20.29 -11.95 -6.71
N ILE A 414 20.47 -12.27 -5.42
CA ILE A 414 21.78 -12.18 -4.79
C ILE A 414 22.72 -13.30 -5.22
N THR A 415 22.22 -14.53 -5.17
CA THR A 415 23.03 -15.71 -5.51
C THR A 415 23.54 -15.69 -6.95
N HIS A 416 22.67 -15.32 -7.89
CA HIS A 416 23.02 -15.35 -9.30
C HIS A 416 23.35 -13.97 -9.87
N ASN A 417 23.43 -12.97 -9.01
CA ASN A 417 23.87 -11.63 -9.40
C ASN A 417 23.02 -11.05 -10.53
N VAL A 418 21.71 -11.20 -10.41
CA VAL A 418 20.79 -10.80 -11.47
C VAL A 418 20.55 -9.29 -11.47
N SER A 419 20.96 -8.64 -12.55
CA SER A 419 20.95 -7.19 -12.63
C SER A 419 21.15 -6.74 -14.07
N PRO A 420 20.56 -5.60 -14.46
CA PRO A 420 20.71 -5.09 -15.82
C PRO A 420 22.16 -4.75 -16.18
N ASP A 421 22.99 -4.48 -15.18
CA ASP A 421 24.40 -4.17 -15.45
C ASP A 421 25.30 -5.40 -15.46
N THR A 422 24.74 -6.58 -15.16
CA THR A 422 25.49 -7.83 -15.27
C THR A 422 24.92 -8.73 -16.35
N LEU A 423 23.80 -8.32 -16.92
CA LEU A 423 23.12 -9.09 -17.95
C LEU A 423 23.93 -9.15 -19.25
N ASN A 424 24.28 -10.36 -19.67
CA ASN A 424 25.04 -10.59 -20.89
C ASN A 424 26.29 -9.71 -21.02
N ARG A 425 26.97 -9.46 -19.90
CA ARG A 425 28.16 -8.63 -19.92
C ARG A 425 29.36 -9.42 -20.41
N GLU A 426 29.89 -9.01 -21.57
CA GLU A 426 31.00 -9.72 -22.16
C GLU A 426 32.33 -9.37 -21.48
N GLY A 427 33.25 -10.31 -21.50
CA GLY A 427 34.59 -10.07 -20.96
C GLY A 427 34.83 -10.62 -19.57
N CYS A 428 33.82 -11.26 -18.99
CA CYS A 428 33.93 -11.82 -17.66
C CYS A 428 34.43 -13.27 -17.70
N LYS A 429 34.96 -13.73 -16.57
CA LYS A 429 35.48 -15.09 -16.48
C LYS A 429 34.51 -16.05 -15.82
N GLU A 430 33.42 -15.51 -15.25
CA GLU A 430 32.41 -16.36 -14.61
C GLU A 430 30.98 -15.88 -14.86
N TYR A 431 30.12 -16.82 -15.21
CA TYR A 431 28.71 -16.53 -15.48
C TYR A 431 27.77 -17.55 -14.85
N ASP A 432 26.55 -17.11 -14.54
CA ASP A 432 25.45 -18.01 -14.20
C ASP A 432 24.40 -17.89 -15.30
N VAL A 433 23.81 -19.02 -15.68
CA VAL A 433 22.86 -19.05 -16.78
C VAL A 433 21.47 -19.44 -16.31
N ALA A 434 20.48 -18.62 -16.64
CA ALA A 434 19.11 -18.87 -16.23
C ALA A 434 18.47 -19.97 -17.07
N PRO A 435 17.81 -20.93 -16.41
CA PRO A 435 17.15 -22.02 -17.13
C PRO A 435 16.00 -21.51 -18.01
N GLN A 436 15.70 -22.24 -19.08
CA GLN A 436 14.64 -21.90 -20.04
C GLN A 436 14.88 -20.59 -20.81
N VAL A 437 15.06 -19.49 -20.10
CA VAL A 437 15.21 -18.19 -20.75
C VAL A 437 16.64 -17.92 -21.24
N GLY A 438 17.62 -18.53 -20.58
CA GLY A 438 18.99 -18.54 -21.09
C GLY A 438 19.83 -17.30 -20.87
N HIS A 439 19.31 -16.32 -20.14
CA HIS A 439 20.05 -15.09 -19.88
C HIS A 439 21.28 -15.35 -19.02
N ARG A 440 22.41 -14.75 -19.41
CA ARG A 440 23.66 -14.93 -18.69
C ARG A 440 23.96 -13.72 -17.81
N PHE A 441 24.46 -13.98 -16.60
CA PHE A 441 24.78 -12.90 -15.68
C PHE A 441 26.21 -13.02 -15.18
N CYS A 442 26.98 -11.95 -15.39
CA CYS A 442 28.36 -11.88 -14.95
C CYS A 442 28.45 -12.02 -13.43
N LYS A 443 29.42 -12.81 -12.96
CA LYS A 443 29.59 -13.03 -11.53
C LYS A 443 30.87 -12.39 -11.01
N ASP A 444 31.58 -11.67 -11.87
CA ASP A 444 32.89 -11.11 -11.52
C ASP A 444 32.80 -10.00 -10.48
N PHE A 445 31.74 -9.20 -10.53
CA PHE A 445 31.56 -8.10 -9.60
C PHE A 445 30.10 -8.02 -9.16
N PRO A 446 29.86 -7.55 -7.92
CA PRO A 446 28.49 -7.35 -7.44
C PRO A 446 27.74 -6.37 -8.32
N GLY A 447 26.57 -6.79 -8.81
CA GLY A 447 25.72 -5.89 -9.57
C GLY A 447 25.10 -4.85 -8.64
N PHE A 448 24.76 -3.70 -9.20
CA PHE A 448 24.16 -2.59 -8.46
C PHE A 448 23.02 -3.02 -7.53
N ILE A 449 21.98 -3.61 -8.11
CA ILE A 449 20.83 -4.05 -7.33
C ILE A 449 21.06 -5.24 -6.37
N PRO A 450 21.77 -6.31 -6.84
CA PRO A 450 22.08 -7.39 -5.90
C PRO A 450 22.98 -6.93 -4.75
N SER A 451 23.86 -5.97 -5.03
CA SER A 451 24.71 -5.40 -3.99
C SER A 451 23.88 -4.74 -2.90
N LEU A 452 22.95 -3.87 -3.31
CA LEU A 452 22.09 -3.17 -2.37
C LEU A 452 21.18 -4.14 -1.64
N LEU A 453 20.65 -5.11 -2.38
CA LEU A 453 19.74 -6.09 -1.82
C LEU A 453 20.45 -6.96 -0.79
N GLY A 454 21.71 -7.27 -1.06
CA GLY A 454 22.52 -8.03 -0.12
C GLY A 454 22.77 -7.28 1.17
N ASP A 455 23.04 -5.99 1.07
CA ASP A 455 23.24 -5.16 2.25
C ASP A 455 21.96 -5.06 3.08
N LEU A 456 20.83 -4.92 2.40
CA LEU A 456 19.53 -4.86 3.05
C LEU A 456 19.23 -6.11 3.88
N LEU A 457 19.36 -7.28 3.25
CA LEU A 457 19.10 -8.55 3.92
C LEU A 457 20.06 -8.78 5.09
N GLU A 458 21.31 -8.38 4.91
CA GLU A 458 22.32 -8.52 5.95
C GLU A 458 22.02 -7.59 7.11
N GLU A 459 21.69 -6.35 6.79
CA GLU A 459 21.34 -5.35 7.80
C GLU A 459 20.11 -5.78 8.60
N ARG A 460 19.13 -6.36 7.90
CA ARG A 460 17.92 -6.84 8.54
C ARG A 460 18.22 -7.91 9.59
N GLN A 461 19.09 -8.86 9.25
CA GLN A 461 19.44 -9.92 10.18
C GLN A 461 20.19 -9.38 11.39
N LYS A 462 21.05 -8.39 11.17
CA LYS A 462 21.77 -7.75 12.27
C LYS A 462 20.82 -6.98 13.19
N ILE A 463 19.67 -6.57 12.66
CA ILE A 463 18.68 -5.85 13.45
C ILE A 463 17.83 -6.83 14.26
N LYS A 464 17.43 -7.92 13.62
CA LYS A 464 16.65 -8.98 14.27
C LYS A 464 17.34 -9.50 15.52
N LYS A 465 18.64 -9.77 15.44
CA LYS A 465 19.33 -10.33 16.60
C LYS A 465 19.68 -9.28 17.66
N LYS A 466 19.90 -8.05 17.24
CA LYS A 466 20.11 -6.96 18.20
C LYS A 466 18.83 -6.68 19.00
N MET A 467 17.67 -6.92 18.40
CA MET A 467 16.39 -6.73 19.06
C MET A 467 16.23 -7.61 20.31
N LYS A 468 16.63 -8.87 20.19
CA LYS A 468 16.52 -9.82 21.30
C LYS A 468 17.30 -9.34 22.53
N ALA A 469 18.40 -8.64 22.29
CA ALA A 469 19.28 -8.20 23.37
C ALA A 469 19.03 -6.77 23.82
N THR A 470 18.18 -6.04 23.09
CA THR A 470 17.89 -4.65 23.42
C THR A 470 16.88 -4.56 24.56
N ILE A 471 17.33 -4.10 25.72
CA ILE A 471 16.46 -3.98 26.88
C ILE A 471 15.46 -2.82 26.74
N ASP A 472 15.94 -1.68 26.25
CA ASP A 472 15.11 -0.50 26.04
C ASP A 472 13.95 -0.80 25.08
N PRO A 473 12.71 -0.77 25.60
CA PRO A 473 11.51 -1.15 24.84
C PRO A 473 11.20 -0.19 23.69
N ILE A 474 11.61 1.07 23.81
CA ILE A 474 11.37 2.04 22.75
C ILE A 474 12.34 1.80 21.60
N GLU A 475 13.60 1.53 21.92
CA GLU A 475 14.60 1.19 20.91
C GLU A 475 14.23 -0.11 20.18
N ARG A 476 13.68 -1.07 20.93
CA ARG A 476 13.30 -2.35 20.34
C ARG A 476 12.19 -2.20 19.32
N LYS A 477 11.22 -1.34 19.62
CA LYS A 477 10.13 -1.04 18.70
C LYS A 477 10.67 -0.39 17.43
N LEU A 478 11.59 0.53 17.62
CA LEU A 478 12.23 1.24 16.51
C LEU A 478 12.92 0.27 15.57
N LEU A 479 13.73 -0.62 16.15
CA LEU A 479 14.45 -1.62 15.39
C LEU A 479 13.47 -2.57 14.68
N ASP A 480 12.37 -2.88 15.36
CA ASP A 480 11.36 -3.77 14.81
C ASP A 480 10.76 -3.19 13.54
N TYR A 481 10.51 -1.88 13.57
CA TYR A 481 9.90 -1.21 12.42
C TYR A 481 10.89 -1.10 11.27
N ARG A 482 12.15 -0.78 11.58
CA ARG A 482 13.17 -0.70 10.54
C ARG A 482 13.35 -2.04 9.86
N GLN A 483 13.36 -3.10 10.67
CA GLN A 483 13.46 -4.47 10.18
C GLN A 483 12.31 -4.80 9.25
N ARG A 484 11.09 -4.41 9.63
CA ARG A 484 9.92 -4.64 8.81
C ARG A 484 9.96 -3.82 7.53
N ALA A 485 10.46 -2.59 7.63
CA ALA A 485 10.55 -1.71 6.46
C ALA A 485 11.52 -2.28 5.44
N ILE A 486 12.60 -2.89 5.91
CA ILE A 486 13.59 -3.48 5.02
C ILE A 486 12.99 -4.68 4.28
N LYS A 487 12.19 -5.47 4.98
CA LYS A 487 11.51 -6.61 4.38
C LYS A 487 10.61 -6.15 3.23
N ILE A 488 9.87 -5.08 3.47
CA ILE A 488 8.96 -4.54 2.47
C ILE A 488 9.71 -4.09 1.23
N LEU A 489 10.79 -3.35 1.44
CA LEU A 489 11.62 -2.86 0.33
C LEU A 489 12.33 -4.01 -0.41
N ALA A 490 12.89 -4.95 0.34
CA ALA A 490 13.62 -6.07 -0.25
C ALA A 490 12.72 -6.93 -1.13
N ASN A 491 11.47 -7.10 -0.72
CA ASN A 491 10.52 -7.90 -1.49
C ASN A 491 9.87 -7.14 -2.65
N SER A 492 10.30 -5.90 -2.86
CA SER A 492 9.74 -5.06 -3.92
C SER A 492 10.62 -5.02 -5.16
N TYR A 493 11.84 -5.53 -5.04
CA TYR A 493 12.82 -5.46 -6.12
C TYR A 493 12.41 -6.26 -7.36
N TYR A 494 11.93 -7.49 -7.14
CA TYR A 494 11.50 -8.34 -8.24
C TYR A 494 10.41 -7.68 -9.08
N GLY A 495 9.34 -7.24 -8.42
CA GLY A 495 8.22 -6.63 -9.12
C GLY A 495 8.61 -5.36 -9.84
N TYR A 496 9.56 -4.64 -9.27
CA TYR A 496 10.08 -3.42 -9.88
C TYR A 496 10.80 -3.73 -11.20
N TYR A 497 11.52 -4.86 -11.25
CA TYR A 497 12.20 -5.29 -12.47
C TYR A 497 11.25 -5.41 -13.66
N GLY A 498 10.02 -5.85 -13.40
CA GLY A 498 9.04 -6.04 -14.45
C GLY A 498 8.03 -4.91 -14.52
N TYR A 499 8.34 -3.82 -13.85
CA TYR A 499 7.47 -2.64 -13.82
C TYR A 499 7.82 -1.72 -14.99
N ALA A 500 6.92 -1.63 -15.96
CA ALA A 500 7.22 -0.99 -17.23
C ALA A 500 7.62 0.48 -17.12
N ARG A 501 7.18 1.17 -16.07
CA ARG A 501 7.52 2.58 -15.90
C ARG A 501 8.84 2.78 -15.15
N ALA A 502 9.38 1.70 -14.61
CA ALA A 502 10.61 1.77 -13.83
C ALA A 502 11.82 2.26 -14.62
N ARG A 503 12.66 3.06 -13.99
CA ARG A 503 13.91 3.51 -14.58
C ARG A 503 14.84 2.33 -14.84
N TRP A 504 14.97 1.47 -13.84
CA TRP A 504 15.83 0.29 -13.94
C TRP A 504 15.04 -0.97 -14.33
N TYR A 505 14.01 -0.78 -15.14
CA TYR A 505 13.22 -1.88 -15.69
C TYR A 505 14.12 -2.86 -16.42
N CYS A 506 13.87 -4.15 -16.23
CA CYS A 506 14.58 -5.18 -16.97
C CYS A 506 13.77 -6.47 -17.01
N LYS A 507 13.12 -6.73 -18.15
CA LYS A 507 12.29 -7.91 -18.31
C LYS A 507 13.13 -9.18 -18.24
N GLU A 508 14.34 -9.13 -18.81
CA GLU A 508 15.23 -10.28 -18.77
C GLU A 508 15.55 -10.68 -17.33
N CYS A 509 15.77 -9.69 -16.48
CA CYS A 509 16.01 -9.94 -15.06
C CYS A 509 14.80 -10.53 -14.38
N ALA A 510 13.63 -9.96 -14.66
CA ALA A 510 12.40 -10.41 -14.03
C ALA A 510 12.08 -11.87 -14.36
N GLU A 511 12.14 -12.22 -15.65
CA GLU A 511 11.80 -13.57 -16.08
C GLU A 511 12.89 -14.58 -15.68
N SER A 512 14.11 -14.12 -15.47
CA SER A 512 15.19 -14.98 -15.02
C SER A 512 14.96 -15.39 -13.57
N VAL A 513 14.47 -14.46 -12.77
CA VAL A 513 14.14 -14.73 -11.37
C VAL A 513 13.06 -15.81 -11.28
N THR A 514 11.99 -15.66 -12.06
CA THR A 514 10.89 -16.61 -12.01
C THR A 514 11.27 -17.97 -12.63
N ALA A 515 12.12 -17.95 -13.65
CA ALA A 515 12.60 -19.19 -14.25
C ALA A 515 13.44 -19.97 -13.26
N TRP A 516 14.36 -19.28 -12.60
CA TRP A 516 15.16 -19.90 -11.55
C TRP A 516 14.28 -20.42 -10.42
N GLY A 517 13.28 -19.63 -10.04
CA GLY A 517 12.35 -20.01 -9.00
C GLY A 517 11.57 -21.26 -9.35
N ARG A 518 11.12 -21.35 -10.59
CA ARG A 518 10.41 -22.55 -11.04
C ARG A 518 11.32 -23.77 -10.98
N GLU A 519 12.60 -23.57 -11.30
CA GLU A 519 13.57 -24.65 -11.25
C GLU A 519 13.79 -25.16 -9.83
N TYR A 520 14.04 -24.25 -8.90
CA TYR A 520 14.34 -24.66 -7.53
C TYR A 520 13.15 -25.31 -6.83
N ILE A 521 11.96 -24.78 -7.04
CA ILE A 521 10.79 -25.37 -6.39
C ILE A 521 10.44 -26.74 -6.97
N THR A 522 10.59 -26.91 -8.29
CA THR A 522 10.31 -28.20 -8.91
C THR A 522 11.40 -29.23 -8.63
N MET A 523 12.65 -28.79 -8.58
CA MET A 523 13.74 -29.71 -8.22
C MET A 523 13.54 -30.25 -6.81
N THR A 524 13.20 -29.36 -5.88
CA THR A 524 13.01 -29.74 -4.49
C THR A 524 11.85 -30.72 -4.30
N ILE A 525 10.78 -30.53 -5.06
CA ILE A 525 9.62 -31.41 -4.99
C ILE A 525 9.94 -32.83 -5.43
N LYS A 526 10.52 -32.98 -6.63
CA LYS A 526 10.85 -34.31 -7.13
C LYS A 526 11.94 -34.96 -6.27
N GLU A 527 12.73 -34.14 -5.60
CA GLU A 527 13.76 -34.62 -4.71
C GLU A 527 13.16 -35.28 -3.47
N ILE A 528 12.15 -34.64 -2.87
CA ILE A 528 11.51 -35.18 -1.68
C ILE A 528 10.60 -36.37 -1.99
N GLU A 529 10.09 -36.43 -3.22
CA GLU A 529 9.28 -37.55 -3.66
C GLU A 529 10.16 -38.78 -3.93
N GLU A 530 11.19 -38.59 -4.75
CA GLU A 530 12.02 -39.70 -5.19
C GLU A 530 12.93 -40.27 -4.11
N LYS A 531 13.49 -39.40 -3.26
CA LYS A 531 14.49 -39.84 -2.30
C LYS A 531 13.99 -39.96 -0.86
N TYR A 532 12.76 -39.52 -0.60
CA TYR A 532 12.20 -39.64 0.74
C TYR A 532 10.78 -40.22 0.77
N GLY A 533 10.21 -40.45 -0.41
CA GLY A 533 8.91 -41.08 -0.53
C GLY A 533 7.75 -40.27 0.01
N PHE A 534 7.87 -38.95 -0.04
CA PHE A 534 6.77 -38.08 0.36
C PHE A 534 5.77 -37.92 -0.77
N LYS A 535 4.51 -37.72 -0.41
CA LYS A 535 3.52 -37.24 -1.36
C LYS A 535 3.48 -35.72 -1.24
N VAL A 536 3.69 -35.02 -2.35
CA VAL A 536 3.50 -33.58 -2.36
C VAL A 536 2.07 -33.26 -2.77
N ILE A 537 1.29 -32.77 -1.82
CA ILE A 537 -0.12 -32.53 -2.02
C ILE A 537 -0.36 -31.30 -2.89
N TYR A 538 0.41 -30.25 -2.65
CA TYR A 538 0.20 -28.99 -3.32
C TYR A 538 1.44 -28.10 -3.23
N SER A 539 1.63 -27.25 -4.23
CA SER A 539 2.76 -26.34 -4.27
C SER A 539 2.43 -25.06 -5.02
N ASP A 540 2.90 -23.93 -4.48
CA ASP A 540 2.70 -22.64 -5.13
C ASP A 540 3.95 -21.77 -5.03
N THR A 541 4.66 -21.66 -6.14
CA THR A 541 5.79 -20.74 -6.30
C THR A 541 7.04 -21.05 -5.46
N ASP A 542 6.96 -20.88 -4.15
CA ASP A 542 8.15 -20.97 -3.30
C ASP A 542 8.03 -21.93 -2.12
N GLY A 543 7.01 -22.79 -2.15
CA GLY A 543 6.84 -23.75 -1.08
C GLY A 543 5.87 -24.86 -1.45
N PHE A 544 5.85 -25.92 -0.66
CA PHE A 544 4.91 -27.01 -0.89
C PHE A 544 4.43 -27.68 0.39
N PHE A 545 3.27 -28.33 0.30
CA PHE A 545 2.72 -29.12 1.39
C PHE A 545 2.98 -30.59 1.11
N ALA A 546 3.63 -31.28 2.04
CA ALA A 546 3.95 -32.68 1.85
C ALA A 546 3.52 -33.54 3.03
N THR A 547 3.37 -34.84 2.79
CA THR A 547 3.04 -35.79 3.83
C THR A 547 3.34 -37.21 3.41
N ILE A 548 3.30 -38.12 4.38
CA ILE A 548 3.39 -39.55 4.11
C ILE A 548 2.10 -40.16 4.63
N PRO A 549 1.12 -40.38 3.73
CA PRO A 549 -0.27 -40.71 4.07
C PRO A 549 -0.45 -41.90 5.02
N GLY A 550 0.52 -42.80 5.07
CA GLY A 550 0.42 -43.94 5.96
C GLY A 550 1.40 -43.86 7.13
N ALA A 551 1.79 -42.64 7.50
CA ALA A 551 2.80 -42.46 8.53
C ALA A 551 2.33 -41.71 9.76
N ASP A 552 3.06 -41.90 10.86
CA ASP A 552 2.80 -41.23 12.12
C ASP A 552 3.16 -39.75 12.01
N ALA A 553 2.61 -38.94 12.90
CA ALA A 553 2.90 -37.51 12.93
C ALA A 553 4.38 -37.24 13.17
N GLU A 554 4.96 -37.93 14.16
CA GLU A 554 6.36 -37.76 14.49
C GLU A 554 7.27 -38.33 13.40
N THR A 555 6.75 -39.32 12.68
CA THR A 555 7.49 -39.92 11.57
C THR A 555 7.61 -38.94 10.40
N VAL A 556 6.52 -38.26 10.10
CA VAL A 556 6.50 -37.25 9.05
C VAL A 556 7.45 -36.12 9.37
N LYS A 557 7.42 -35.65 10.62
CA LYS A 557 8.28 -34.56 11.08
C LYS A 557 9.76 -34.94 10.94
N LYS A 558 10.11 -36.11 11.45
CA LYS A 558 11.49 -36.58 11.42
C LYS A 558 12.05 -36.61 9.99
N LYS A 559 11.33 -37.29 9.10
CA LYS A 559 11.74 -37.42 7.71
C LYS A 559 11.85 -36.06 7.02
N ALA A 560 10.96 -35.14 7.37
CA ALA A 560 10.99 -33.79 6.82
C ALA A 560 12.27 -33.06 7.23
N MET A 561 12.65 -33.19 8.50
CA MET A 561 13.86 -32.56 9.00
C MET A 561 15.10 -33.15 8.33
N GLU A 562 15.05 -34.45 8.06
CA GLU A 562 16.15 -35.13 7.39
C GLU A 562 16.26 -34.66 5.95
N PHE A 563 15.12 -34.46 5.29
CA PHE A 563 15.11 -33.94 3.93
C PHE A 563 15.72 -32.54 3.87
N LEU A 564 15.35 -31.69 4.84
CA LEU A 564 15.87 -30.33 4.92
C LEU A 564 17.39 -30.30 5.01
N LYS A 565 17.95 -31.15 5.86
CA LYS A 565 19.41 -31.27 5.96
C LYS A 565 20.02 -31.63 4.61
N TYR A 566 19.36 -32.54 3.90
CA TYR A 566 19.82 -33.02 2.61
C TYR A 566 19.84 -31.95 1.50
N ILE A 567 18.69 -31.36 1.20
CA ILE A 567 18.64 -30.38 0.10
C ILE A 567 19.37 -29.07 0.38
N ASN A 568 19.46 -28.68 1.64
CA ASN A 568 20.14 -27.44 1.99
C ASN A 568 21.64 -27.53 1.76
N ALA A 569 22.15 -28.76 1.73
CA ALA A 569 23.56 -28.99 1.41
C ALA A 569 23.78 -28.88 -0.10
N LYS A 570 22.69 -29.02 -0.86
CA LYS A 570 22.78 -28.98 -2.32
C LYS A 570 22.52 -27.59 -2.91
N LEU A 571 21.80 -26.76 -2.15
CA LEU A 571 21.43 -25.42 -2.62
C LEU A 571 22.63 -24.49 -2.66
N PRO A 572 22.72 -23.68 -3.73
CA PRO A 572 23.83 -22.73 -3.91
C PRO A 572 23.55 -21.40 -3.22
N GLY A 573 24.61 -20.69 -2.87
CA GLY A 573 24.51 -19.33 -2.34
C GLY A 573 23.59 -19.14 -1.15
N ALA A 574 22.65 -18.20 -1.31
CA ALA A 574 21.79 -17.78 -0.21
C ALA A 574 20.47 -18.55 -0.14
N LEU A 575 20.24 -19.44 -1.10
CA LEU A 575 19.02 -20.24 -1.10
C LEU A 575 18.97 -21.20 0.09
N GLU A 576 17.79 -21.29 0.69
CA GLU A 576 17.61 -22.06 1.93
C GLU A 576 16.17 -22.50 2.06
N LEU A 577 15.95 -23.81 2.18
CA LEU A 577 14.61 -24.33 2.42
C LEU A 577 14.39 -24.45 3.92
N GLU A 578 13.17 -24.13 4.36
CA GLU A 578 12.87 -24.05 5.79
C GLU A 578 11.62 -24.83 6.20
N TYR A 579 11.58 -25.20 7.47
CA TYR A 579 10.42 -25.86 8.06
C TYR A 579 9.46 -24.77 8.53
N GLU A 580 8.42 -24.51 7.74
CA GLU A 580 7.51 -23.41 8.06
C GLU A 580 6.51 -23.79 9.13
N GLY A 581 5.99 -25.02 9.07
CA GLY A 581 5.03 -25.47 10.05
C GLY A 581 4.49 -26.85 9.79
N PHE A 582 3.90 -27.43 10.84
CA PHE A 582 3.24 -28.72 10.75
C PHE A 582 1.75 -28.51 10.96
N TYR A 583 0.93 -29.23 10.20
CA TYR A 583 -0.52 -29.08 10.29
C TYR A 583 -1.21 -30.43 10.48
N LYS A 584 -2.06 -30.50 11.49
CA LYS A 584 -2.76 -31.72 11.85
C LYS A 584 -3.61 -32.22 10.69
N ARG A 585 -4.34 -31.30 10.07
CA ARG A 585 -5.15 -31.62 8.90
C ARG A 585 -5.09 -30.48 7.89
N GLY A 586 -5.52 -30.78 6.67
CA GLY A 586 -5.58 -29.78 5.62
C GLY A 586 -6.57 -30.18 4.55
N PHE A 587 -7.32 -29.21 4.06
CA PHE A 587 -8.25 -29.46 2.97
C PHE A 587 -7.86 -28.61 1.77
N PHE A 588 -7.57 -29.26 0.65
CA PHE A 588 -7.11 -28.56 -0.54
C PHE A 588 -8.19 -28.61 -1.62
N VAL A 589 -8.80 -27.46 -1.87
CA VAL A 589 -9.95 -27.39 -2.76
C VAL A 589 -9.54 -27.29 -4.22
N THR A 590 -8.81 -26.24 -4.56
CA THR A 590 -8.30 -26.04 -5.91
C THR A 590 -6.95 -25.38 -5.79
N LYS A 591 -6.34 -25.05 -6.92
CA LYS A 591 -5.17 -24.18 -6.93
C LYS A 591 -5.57 -22.89 -6.23
N LYS A 592 -4.67 -22.38 -5.39
CA LYS A 592 -4.86 -21.11 -4.69
C LYS A 592 -5.90 -21.16 -3.55
N LYS A 593 -6.60 -22.28 -3.42
CA LYS A 593 -7.66 -22.41 -2.43
C LYS A 593 -7.50 -23.62 -1.52
N TYR A 594 -7.25 -23.37 -0.24
CA TYR A 594 -7.07 -24.44 0.73
C TYR A 594 -7.23 -23.93 2.14
N ALA A 595 -7.22 -24.84 3.10
CA ALA A 595 -7.30 -24.49 4.51
C ALA A 595 -6.59 -25.55 5.35
N VAL A 596 -5.80 -25.11 6.32
CA VAL A 596 -5.08 -26.02 7.20
C VAL A 596 -5.30 -25.67 8.66
N ILE A 597 -5.01 -26.62 9.54
CA ILE A 597 -5.15 -26.41 10.97
C ILE A 597 -3.94 -26.96 11.71
N ASP A 598 -3.38 -26.18 12.63
CA ASP A 598 -2.21 -26.62 13.38
C ASP A 598 -2.59 -27.47 14.59
N GLU A 599 -1.58 -27.81 15.40
CA GLU A 599 -1.80 -28.66 16.57
C GLU A 599 -2.46 -27.90 17.72
N GLU A 600 -2.51 -26.57 17.62
CA GLU A 600 -3.16 -25.75 18.62
C GLU A 600 -4.67 -25.68 18.36
N GLY A 601 -5.05 -25.87 17.10
CA GLY A 601 -6.44 -25.77 16.70
C GLY A 601 -6.70 -24.53 15.87
N LYS A 602 -5.65 -23.79 15.55
CA LYS A 602 -5.78 -22.58 14.76
C LYS A 602 -5.88 -22.89 13.27
N ILE A 603 -6.94 -22.37 12.64
CA ILE A 603 -7.19 -22.60 11.22
C ILE A 603 -6.68 -21.43 10.39
N THR A 604 -5.93 -21.75 9.34
CA THR A 604 -5.46 -20.75 8.39
C THR A 604 -6.10 -21.03 7.04
N THR A 605 -6.69 -20.00 6.45
CA THR A 605 -7.43 -20.16 5.20
C THR A 605 -6.83 -19.29 4.09
N ARG A 606 -6.68 -19.86 2.91
CA ARG A 606 -6.17 -19.12 1.76
C ARG A 606 -7.12 -19.19 0.56
N GLY A 607 -7.38 -18.05 -0.06
CA GLY A 607 -8.08 -18.00 -1.32
C GLY A 607 -9.58 -18.29 -1.29
N LEU A 608 -10.01 -19.09 -0.32
CA LEU A 608 -11.42 -19.43 -0.17
C LEU A 608 -12.28 -18.18 -0.01
N GLU A 609 -13.58 -18.35 -0.24
CA GLU A 609 -14.56 -17.26 -0.12
C GLU A 609 -14.43 -16.51 1.20
N ILE A 610 -14.07 -17.24 2.25
CA ILE A 610 -13.86 -16.67 3.59
C ILE A 610 -12.95 -15.44 3.59
N VAL A 611 -11.95 -15.46 2.71
CA VAL A 611 -10.93 -14.42 2.66
C VAL A 611 -11.38 -13.20 1.83
N ARG A 612 -12.28 -13.45 0.88
CA ARG A 612 -12.66 -12.44 -0.09
C ARG A 612 -13.75 -11.49 0.40
N ARG A 613 -13.75 -10.26 -0.10
CA ARG A 613 -14.73 -9.26 0.29
C ARG A 613 -15.95 -9.24 -0.63
N ASP A 614 -15.83 -9.85 -1.80
CA ASP A 614 -16.94 -9.90 -2.76
C ASP A 614 -17.87 -11.07 -2.50
N TRP A 615 -17.85 -11.58 -1.27
CA TRP A 615 -18.78 -12.61 -0.82
C TRP A 615 -19.41 -12.16 0.49
N SER A 616 -20.72 -12.35 0.61
CA SER A 616 -21.45 -11.93 1.80
C SER A 616 -20.93 -12.62 3.04
N GLU A 617 -21.12 -11.97 4.20
N GLU A 617 -21.12 -11.98 4.19
CA GLU A 617 -20.65 -12.52 5.46
CA GLU A 617 -20.63 -12.53 5.46
C GLU A 617 -21.32 -13.84 5.78
C GLU A 617 -21.32 -13.85 5.78
N ILE A 618 -22.60 -13.97 5.40
CA ILE A 618 -23.34 -15.19 5.64
C ILE A 618 -22.69 -16.38 4.94
N ALA A 619 -22.23 -16.20 3.71
CA ALA A 619 -21.57 -17.27 2.98
C ALA A 619 -20.21 -17.61 3.59
N LYS A 620 -19.48 -16.57 3.98
CA LYS A 620 -18.15 -16.76 4.57
C LYS A 620 -18.23 -17.39 5.95
N GLU A 621 -19.27 -17.03 6.70
CA GLU A 621 -19.47 -17.55 8.05
C GLU A 621 -19.74 -19.06 8.05
N THR A 622 -20.66 -19.52 7.22
CA THR A 622 -20.94 -20.96 7.21
C THR A 622 -19.84 -21.78 6.53
N GLN A 623 -19.13 -21.18 5.57
CA GLN A 623 -17.98 -21.88 4.97
C GLN A 623 -16.92 -22.12 6.04
N ALA A 624 -16.72 -21.13 6.90
CA ALA A 624 -15.78 -21.26 8.02
C ALA A 624 -16.26 -22.28 9.03
N ARG A 625 -17.58 -22.30 9.26
CA ARG A 625 -18.18 -23.27 10.17
C ARG A 625 -18.07 -24.69 9.61
N VAL A 626 -18.24 -24.83 8.30
CA VAL A 626 -18.10 -26.13 7.65
C VAL A 626 -16.64 -26.60 7.71
N LEU A 627 -15.73 -25.70 7.37
CA LEU A 627 -14.30 -25.99 7.39
C LEU A 627 -13.81 -26.38 8.78
N GLU A 628 -14.36 -25.73 9.80
CA GLU A 628 -13.98 -26.02 11.17
C GLU A 628 -14.46 -27.42 11.59
N ALA A 629 -15.69 -27.75 11.22
CA ALA A 629 -16.26 -29.06 11.53
C ALA A 629 -15.47 -30.20 10.88
N LEU A 630 -14.90 -29.92 9.71
CA LEU A 630 -14.12 -30.92 8.98
C LEU A 630 -12.69 -31.01 9.51
N LEU A 631 -12.03 -29.86 9.64
CA LEU A 631 -10.63 -29.82 10.05
C LEU A 631 -10.42 -30.15 11.53
N LYS A 632 -11.29 -29.64 12.39
CA LYS A 632 -11.09 -29.76 13.83
C LYS A 632 -11.86 -30.94 14.44
N ASP A 633 -13.09 -31.14 13.99
CA ASP A 633 -13.94 -32.19 14.54
C ASP A 633 -13.96 -33.46 13.69
N GLY A 634 -13.63 -33.32 12.40
CA GLY A 634 -13.69 -34.43 11.47
C GLY A 634 -15.12 -34.95 11.32
N ASP A 635 -16.08 -34.05 11.50
CA ASP A 635 -17.50 -34.40 11.50
C ASP A 635 -18.18 -33.87 10.24
N VAL A 636 -18.30 -34.72 9.23
CA VAL A 636 -18.86 -34.31 7.95
C VAL A 636 -20.38 -34.12 8.01
N GLU A 637 -21.06 -34.96 8.79
CA GLU A 637 -22.51 -34.87 8.90
C GLU A 637 -22.94 -33.66 9.74
N LYS A 638 -22.01 -33.11 10.51
CA LYS A 638 -22.27 -31.88 11.25
C LYS A 638 -22.18 -30.69 10.31
N ALA A 639 -21.21 -30.75 9.41
CA ALA A 639 -21.04 -29.69 8.40
C ALA A 639 -22.28 -29.60 7.53
N VAL A 640 -22.93 -30.72 7.30
CA VAL A 640 -24.15 -30.76 6.49
C VAL A 640 -25.31 -30.10 7.21
N ARG A 641 -25.51 -30.44 8.48
CA ARG A 641 -26.59 -29.87 9.27
C ARG A 641 -26.48 -28.35 9.40
N ILE A 642 -25.25 -27.86 9.53
CA ILE A 642 -24.99 -26.43 9.62
C ILE A 642 -25.51 -25.70 8.39
N VAL A 643 -25.26 -26.28 7.22
CA VAL A 643 -25.74 -25.69 5.96
C VAL A 643 -27.26 -25.73 5.86
N LYS A 644 -27.85 -26.84 6.31
CA LYS A 644 -29.29 -26.98 6.33
C LYS A 644 -29.90 -25.94 7.28
N GLU A 645 -29.25 -25.73 8.41
CA GLU A 645 -29.67 -24.73 9.38
C GLU A 645 -29.66 -23.32 8.76
N VAL A 646 -28.56 -22.99 8.10
CA VAL A 646 -28.37 -21.65 7.53
C VAL A 646 -29.35 -21.35 6.39
N THR A 647 -29.55 -22.33 5.50
CA THR A 647 -30.49 -22.17 4.39
C THR A 647 -31.92 -22.03 4.88
N GLU A 648 -32.23 -22.67 5.99
CA GLU A 648 -33.57 -22.58 6.58
C GLU A 648 -33.77 -21.20 7.22
N LYS A 649 -32.74 -20.69 7.87
CA LYS A 649 -32.83 -19.36 8.48
C LYS A 649 -32.96 -18.29 7.41
N LEU A 650 -32.25 -18.45 6.30
CA LEU A 650 -32.33 -17.52 5.18
C LEU A 650 -33.72 -17.52 4.55
N SER A 651 -34.29 -18.71 4.38
CA SER A 651 -35.60 -18.84 3.75
C SER A 651 -36.72 -18.27 4.60
N LYS A 652 -36.51 -18.29 5.92
CA LYS A 652 -37.51 -17.78 6.86
C LYS A 652 -37.20 -16.34 7.30
N TYR A 653 -36.21 -15.73 6.63
CA TYR A 653 -35.85 -14.33 6.87
C TYR A 653 -35.47 -14.02 8.32
N GLU A 654 -34.67 -14.90 8.92
CA GLU A 654 -34.25 -14.73 10.30
C GLU A 654 -32.81 -14.25 10.39
N VAL A 655 -32.17 -14.10 9.25
CA VAL A 655 -30.80 -13.62 9.18
C VAL A 655 -30.78 -12.09 9.08
N PRO A 656 -29.99 -11.43 9.94
CA PRO A 656 -29.85 -9.97 9.87
C PRO A 656 -29.23 -9.53 8.54
N PRO A 657 -29.75 -8.43 7.97
CA PRO A 657 -29.31 -7.90 6.67
C PRO A 657 -27.84 -7.50 6.65
N GLU A 658 -27.27 -7.23 7.82
CA GLU A 658 -25.87 -6.79 7.89
C GLU A 658 -24.90 -7.87 7.42
N LYS A 659 -25.28 -9.13 7.61
CA LYS A 659 -24.44 -10.25 7.19
C LYS A 659 -24.71 -10.65 5.73
N LEU A 660 -25.40 -9.78 5.00
CA LEU A 660 -25.75 -10.05 3.61
C LEU A 660 -25.09 -9.07 2.65
N VAL A 661 -24.28 -8.16 3.17
CA VAL A 661 -23.66 -7.11 2.36
C VAL A 661 -22.51 -7.68 1.54
N ILE A 662 -22.44 -7.26 0.28
CA ILE A 662 -21.38 -7.65 -0.62
C ILE A 662 -20.54 -6.43 -0.96
N HIS A 663 -19.22 -6.57 -0.85
CA HIS A 663 -18.32 -5.44 -1.09
C HIS A 663 -17.50 -5.65 -2.36
N GLU A 664 -17.50 -4.65 -3.22
CA GLU A 664 -16.79 -4.76 -4.49
C GLU A 664 -16.20 -3.41 -4.92
N GLN A 665 -14.93 -3.43 -5.31
CA GLN A 665 -14.19 -2.21 -5.61
C GLN A 665 -14.43 -1.72 -7.05
N ILE A 666 -14.65 -0.41 -7.19
CA ILE A 666 -14.66 0.25 -8.50
C ILE A 666 -13.21 0.49 -8.91
N THR A 667 -12.84 0.06 -10.12
CA THR A 667 -11.45 0.08 -10.54
C THR A 667 -11.12 1.16 -11.57
N ARG A 668 -12.14 1.80 -12.12
CA ARG A 668 -11.93 2.76 -13.19
C ARG A 668 -13.06 3.79 -13.22
N ASP A 669 -12.94 4.78 -14.10
CA ASP A 669 -14.03 5.71 -14.32
C ASP A 669 -15.24 4.95 -14.83
N LEU A 670 -16.43 5.32 -14.36
CA LEU A 670 -17.65 4.59 -14.69
C LEU A 670 -17.92 4.51 -16.19
N LYS A 671 -17.46 5.52 -16.93
CA LYS A 671 -17.66 5.56 -18.37
C LYS A 671 -16.79 4.53 -19.08
N ASP A 672 -15.71 4.10 -18.45
CA ASP A 672 -14.77 3.18 -19.06
C ASP A 672 -15.18 1.71 -18.94
N TYR A 673 -16.23 1.45 -18.16
CA TYR A 673 -16.72 0.09 -18.01
C TYR A 673 -17.40 -0.41 -19.28
N LYS A 674 -17.13 -1.66 -19.64
CA LYS A 674 -17.74 -2.28 -20.81
C LYS A 674 -18.93 -3.12 -20.38
N ALA A 675 -18.72 -4.01 -19.41
CA ALA A 675 -19.79 -4.83 -18.87
C ALA A 675 -20.24 -4.28 -17.53
N THR A 676 -21.55 -4.11 -17.37
CA THR A 676 -22.10 -3.54 -16.14
C THR A 676 -22.54 -4.63 -15.16
N GLY A 677 -21.71 -4.87 -14.15
CA GLY A 677 -22.07 -5.80 -13.10
C GLY A 677 -22.87 -5.11 -12.02
N PRO A 678 -23.34 -5.86 -11.02
CA PRO A 678 -24.16 -5.34 -9.92
C PRO A 678 -23.55 -4.13 -9.21
N HIS A 679 -22.26 -4.17 -8.90
CA HIS A 679 -21.63 -3.08 -8.16
C HIS A 679 -21.46 -1.83 -9.03
N VAL A 680 -21.25 -2.03 -10.33
CA VAL A 680 -21.14 -0.92 -11.28
C VAL A 680 -22.53 -0.29 -11.47
N ALA A 681 -23.56 -1.12 -11.49
CA ALA A 681 -24.93 -0.64 -11.61
C ALA A 681 -25.29 0.24 -10.42
N VAL A 682 -24.97 -0.24 -9.22
CA VAL A 682 -25.21 0.52 -8.00
C VAL A 682 -24.42 1.83 -8.02
N ALA A 683 -23.18 1.75 -8.49
CA ALA A 683 -22.31 2.93 -8.57
C ALA A 683 -22.90 4.01 -9.48
N LYS A 684 -23.40 3.59 -10.65
CA LYS A 684 -23.96 4.53 -11.61
C LYS A 684 -25.21 5.23 -11.10
N ARG A 685 -26.00 4.53 -10.30
CA ARG A 685 -27.18 5.13 -9.70
C ARG A 685 -26.77 6.15 -8.65
N LEU A 686 -25.66 5.87 -7.97
CA LEU A 686 -25.11 6.79 -6.97
C LEU A 686 -24.57 8.05 -7.64
N ALA A 687 -23.76 7.86 -8.68
CA ALA A 687 -23.18 8.97 -9.43
C ALA A 687 -24.26 9.82 -10.09
N ALA A 688 -25.37 9.17 -10.45
CA ALA A 688 -26.51 9.86 -11.03
C ALA A 688 -27.03 10.89 -10.04
N ARG A 689 -26.92 10.58 -8.76
CA ARG A 689 -27.29 11.51 -7.70
C ARG A 689 -26.06 12.29 -7.24
N GLY A 690 -26.03 12.65 -5.97
CA GLY A 690 -24.97 13.50 -5.45
C GLY A 690 -23.58 12.88 -5.42
N VAL A 691 -23.47 11.71 -4.80
CA VAL A 691 -22.18 11.09 -4.51
C VAL A 691 -21.33 10.77 -5.74
N LYS A 692 -20.09 11.24 -5.72
CA LYS A 692 -19.14 10.98 -6.79
C LYS A 692 -18.38 9.68 -6.52
N ILE A 693 -17.96 9.00 -7.58
CA ILE A 693 -17.27 7.72 -7.43
C ILE A 693 -15.87 7.79 -8.00
N ARG A 694 -14.89 7.31 -7.22
CA ARG A 694 -13.50 7.27 -7.67
C ARG A 694 -13.05 5.82 -7.79
N PRO A 695 -12.06 5.56 -8.65
CA PRO A 695 -11.45 4.23 -8.63
C PRO A 695 -10.80 3.97 -7.28
N GLY A 696 -11.20 2.90 -6.61
CA GLY A 696 -10.77 2.63 -5.26
C GLY A 696 -11.95 2.61 -4.31
N THR A 697 -13.07 3.17 -4.77
CA THR A 697 -14.30 3.17 -3.98
C THR A 697 -14.84 1.75 -3.85
N VAL A 698 -15.15 1.35 -2.62
CA VAL A 698 -15.77 0.06 -2.37
C VAL A 698 -17.27 0.20 -2.28
N ILE A 699 -17.97 -0.44 -3.22
CA ILE A 699 -19.44 -0.42 -3.22
C ILE A 699 -19.97 -1.54 -2.32
N SER A 700 -20.74 -1.16 -1.31
CA SER A 700 -21.33 -2.14 -0.40
C SER A 700 -22.83 -2.25 -0.66
N TYR A 701 -23.25 -3.37 -1.24
CA TYR A 701 -24.63 -3.52 -1.67
C TYR A 701 -25.29 -4.79 -1.15
N ILE A 702 -26.62 -4.80 -1.20
CA ILE A 702 -27.40 -5.97 -0.84
C ILE A 702 -28.36 -6.29 -1.99
N VAL A 703 -28.63 -7.57 -2.21
CA VAL A 703 -29.52 -8.00 -3.29
C VAL A 703 -30.94 -8.16 -2.79
N LEU A 704 -31.88 -7.51 -3.47
CA LEU A 704 -33.27 -7.52 -3.03
C LEU A 704 -34.13 -8.50 -3.81
N LYS A 705 -35.22 -8.91 -3.17
CA LYS A 705 -36.25 -9.72 -3.82
C LYS A 705 -36.96 -8.84 -4.85
N GLY A 706 -36.99 -9.31 -6.09
CA GLY A 706 -37.65 -8.57 -7.16
C GLY A 706 -37.42 -9.18 -8.53
N SER A 707 -37.72 -8.42 -9.58
CA SER A 707 -37.56 -8.90 -10.94
C SER A 707 -36.42 -8.21 -11.68
N GLY A 708 -35.79 -8.93 -12.60
CA GLY A 708 -34.70 -8.40 -13.40
C GLY A 708 -33.37 -9.06 -13.09
N ARG A 709 -32.29 -8.48 -13.60
CA ARG A 709 -30.94 -8.97 -13.33
C ARG A 709 -30.57 -8.69 -11.88
N ILE A 710 -29.48 -9.29 -11.43
CA ILE A 710 -29.01 -9.10 -10.06
C ILE A 710 -28.65 -7.62 -9.83
N GLY A 711 -28.10 -6.98 -10.85
CA GLY A 711 -27.78 -5.57 -10.78
C GLY A 711 -29.02 -4.68 -10.72
N ASP A 712 -30.13 -5.20 -11.21
CA ASP A 712 -31.40 -4.46 -11.16
C ASP A 712 -32.04 -4.56 -9.77
N ARG A 713 -31.65 -5.57 -9.01
CA ARG A 713 -32.23 -5.79 -7.68
C ARG A 713 -31.28 -5.36 -6.57
N ALA A 714 -30.11 -4.86 -6.95
CA ALA A 714 -29.09 -4.49 -5.96
C ALA A 714 -29.17 -3.01 -5.57
N ILE A 715 -29.05 -2.75 -4.27
CA ILE A 715 -29.03 -1.39 -3.74
C ILE A 715 -27.89 -1.27 -2.73
N PRO A 716 -27.38 -0.05 -2.51
CA PRO A 716 -26.37 0.13 -1.45
C PRO A 716 -26.97 -0.20 -0.08
N PHE A 717 -26.17 -0.82 0.79
CA PHE A 717 -26.70 -1.29 2.08
C PHE A 717 -27.15 -0.16 3.00
N ASP A 718 -26.58 1.02 2.82
CA ASP A 718 -26.97 2.19 3.61
C ASP A 718 -28.45 2.49 3.47
N GLU A 719 -29.00 2.21 2.29
CA GLU A 719 -30.38 2.56 1.99
C GLU A 719 -31.36 1.43 2.26
N PHE A 720 -30.87 0.30 2.76
CA PHE A 720 -31.75 -0.83 3.05
C PHE A 720 -32.70 -0.51 4.20
N ASP A 721 -33.99 -0.73 3.95
CA ASP A 721 -35.03 -0.46 4.93
C ASP A 721 -36.03 -1.61 4.93
N PRO A 722 -36.18 -2.30 6.07
CA PRO A 722 -37.09 -3.44 6.23
C PRO A 722 -38.53 -3.13 5.83
N THR A 723 -38.95 -1.88 5.93
CA THR A 723 -40.32 -1.50 5.58
C THR A 723 -40.49 -1.27 4.08
N LYS A 724 -39.39 -1.04 3.38
CA LYS A 724 -39.44 -0.81 1.94
C LYS A 724 -38.87 -1.99 1.16
N HIS A 725 -37.97 -2.74 1.79
CA HIS A 725 -37.19 -3.74 1.08
C HIS A 725 -37.18 -5.11 1.75
N LYS A 726 -37.04 -6.14 0.94
CA LYS A 726 -36.88 -7.50 1.42
C LYS A 726 -35.73 -8.12 0.64
N TYR A 727 -34.76 -8.69 1.35
CA TYR A 727 -33.64 -9.29 0.64
C TYR A 727 -34.03 -10.58 -0.07
N ASP A 728 -33.26 -10.94 -1.09
CA ASP A 728 -33.55 -12.12 -1.90
C ASP A 728 -32.99 -13.36 -1.23
N ALA A 729 -33.82 -14.06 -0.46
CA ALA A 729 -33.42 -15.27 0.23
C ALA A 729 -32.93 -16.33 -0.75
N GLU A 730 -33.59 -16.42 -1.89
CA GLU A 730 -33.24 -17.40 -2.91
C GLU A 730 -31.85 -17.12 -3.47
N TYR A 731 -31.54 -15.85 -3.68
CA TYR A 731 -30.22 -15.47 -4.17
C TYR A 731 -29.11 -15.85 -3.19
N TYR A 732 -29.29 -15.52 -1.92
CA TYR A 732 -28.26 -15.75 -0.93
C TYR A 732 -28.10 -17.23 -0.59
N ILE A 733 -29.12 -18.03 -0.90
CA ILE A 733 -29.02 -19.46 -0.76
C ILE A 733 -28.34 -20.07 -1.98
N GLU A 734 -28.86 -19.77 -3.16
CA GLU A 734 -28.43 -20.42 -4.40
C GLU A 734 -27.18 -19.83 -5.05
N ASN A 735 -26.89 -18.55 -4.76
CA ASN A 735 -25.74 -17.90 -5.38
C ASN A 735 -24.61 -17.60 -4.41
N GLN A 736 -24.91 -17.65 -3.11
CA GLN A 736 -23.93 -17.29 -2.09
C GLN A 736 -23.52 -18.46 -1.21
N VAL A 737 -24.44 -18.92 -0.36
CA VAL A 737 -24.13 -19.96 0.61
C VAL A 737 -23.82 -21.32 -0.03
N LEU A 738 -24.77 -21.85 -0.81
CA LEU A 738 -24.59 -23.15 -1.44
C LEU A 738 -23.33 -23.29 -2.32
N PRO A 739 -23.11 -22.35 -3.27
CA PRO A 739 -21.90 -22.50 -4.11
C PRO A 739 -20.60 -22.50 -3.30
N ALA A 740 -20.55 -21.68 -2.25
CA ALA A 740 -19.34 -21.60 -1.42
C ALA A 740 -19.10 -22.88 -0.63
N VAL A 741 -20.19 -23.53 -0.23
CA VAL A 741 -20.07 -24.73 0.61
C VAL A 741 -20.11 -26.02 -0.21
N GLU A 742 -20.86 -26.02 -1.30
CA GLU A 742 -20.94 -27.20 -2.16
C GLU A 742 -19.57 -27.58 -2.70
N ARG A 743 -18.78 -26.58 -3.08
CA ARG A 743 -17.44 -26.83 -3.62
C ARG A 743 -16.55 -27.60 -2.66
N ILE A 744 -16.85 -27.52 -1.38
CA ILE A 744 -16.13 -28.27 -0.35
C ILE A 744 -16.77 -29.64 -0.14
N LEU A 745 -18.08 -29.66 0.08
CA LEU A 745 -18.79 -30.90 0.37
C LEU A 745 -19.00 -31.77 -0.87
N ARG A 746 -18.54 -31.29 -2.03
N ARG A 746 -18.57 -31.27 -2.03
CA ARG A 746 -18.63 -32.05 -3.26
CA ARG A 746 -18.60 -32.04 -3.27
C ARG A 746 -17.71 -33.28 -3.20
C ARG A 746 -17.75 -33.30 -3.13
N ALA A 747 -16.60 -33.13 -2.48
CA ALA A 747 -15.63 -34.21 -2.33
C ALA A 747 -16.16 -35.39 -1.53
N PHE A 748 -17.22 -35.16 -0.76
CA PHE A 748 -17.80 -36.22 0.07
C PHE A 748 -19.04 -36.82 -0.57
N GLY A 749 -19.47 -36.23 -1.69
CA GLY A 749 -20.57 -36.78 -2.46
C GLY A 749 -21.90 -36.08 -2.29
N TYR A 750 -21.87 -34.88 -1.72
CA TYR A 750 -23.10 -34.12 -1.49
C TYR A 750 -23.44 -33.19 -2.64
N ARG A 751 -24.68 -33.24 -3.10
CA ARG A 751 -25.17 -32.33 -4.12
C ARG A 751 -25.73 -31.09 -3.43
N LYS A 752 -26.14 -30.10 -4.21
CA LYS A 752 -26.75 -28.90 -3.65
C LYS A 752 -28.09 -29.22 -2.98
N GLU A 753 -28.82 -30.18 -3.53
CA GLU A 753 -30.12 -30.55 -2.97
C GLU A 753 -30.00 -31.42 -1.72
N ASP A 754 -28.77 -31.78 -1.37
CA ASP A 754 -28.52 -32.51 -0.12
C ASP A 754 -28.51 -31.55 1.07
N LEU A 755 -28.66 -30.25 0.79
CA LEU A 755 -28.53 -29.23 1.83
C LEU A 755 -29.54 -28.08 1.70
N ARG A 756 -30.83 -28.37 1.90
CA ARG A 756 -31.87 -27.35 1.84
C ARG A 756 -33.00 -27.62 2.84
P 2DA C 12 -0.17 -18.66 -0.31
OP1 2DA C 12 -0.09 -20.14 0.10
OP2 2DA C 12 -0.27 -17.82 0.97
O5' 2DA C 12 1.16 -18.24 -0.99
C5' 2DA C 12 1.73 -19.06 -1.96
C4' 2DA C 12 2.64 -18.41 -2.89
O4' 2DA C 12 1.91 -17.46 -3.65
C3' 2DA C 12 3.66 -17.69 -2.19
C2' 2DA C 12 3.98 -16.53 -3.06
C1' 2DA C 12 2.84 -16.39 -3.97
N9 2DA C 12 2.22 -15.03 -3.91
C8 2DA C 12 1.62 -14.46 -2.83
N7 2DA C 12 1.19 -13.25 -3.18
C5 2DA C 12 1.53 -13.01 -4.47
C6 2DA C 12 1.35 -11.94 -5.37
N6 2DA C 12 0.71 -10.77 -4.96
N1 2DA C 12 1.82 -12.03 -6.64
C2 2DA C 12 2.45 -13.15 -7.05
N3 2DA C 12 2.63 -14.19 -6.23
C4 2DA C 12 2.18 -14.15 -4.94
CO NCO D . 23.38 -22.73 2.24
N1 NCO D . 23.17 -22.56 0.28
N2 NCO D . 23.59 -22.90 4.20
N3 NCO D . 24.48 -24.35 1.97
N4 NCO D . 21.74 -23.84 2.32
N5 NCO D . 22.26 -21.11 2.52
N6 NCO D . 24.99 -21.58 2.16
C1 EDO E . -13.27 12.14 26.24
O1 EDO E . -13.26 13.45 26.80
C2 EDO E . -12.14 12.04 25.21
O2 EDO E . -10.90 12.41 25.84
C1 EDO F . -13.64 6.62 3.96
O1 EDO F . -14.99 6.13 3.98
C2 EDO F . -13.55 7.80 3.00
O2 EDO F . -14.43 8.84 3.45
MG MG G . -3.41 -19.76 -15.36
#